data_2MKD
#
_entry.id   2MKD
#
loop_
_entity.id
_entity.type
_entity.pdbx_description
1 polymer 'Zinc finger protein 346'
2 non-polymer 'ZINC ION'
#
_entity_poly.entity_id   1
_entity_poly.type   'polypeptide(L)'
_entity_poly.pdbx_seq_one_letter_code
;STKVEALHQNREMIDPDKFCSLCHATFNDPVMAQQHYVGKKHRKQETKLKLMARYGRLAD
;
_entity_poly.pdbx_strand_id   A
#
loop_
_chem_comp.id
_chem_comp.type
_chem_comp.name
_chem_comp.formula
ZN non-polymer 'ZINC ION' 'Zn 2'
#
# COMPACT_ATOMS: atom_id res chain seq x y z
N SER A 1 -7.16 -3.64 16.41
CA SER A 1 -6.74 -4.34 15.20
C SER A 1 -7.15 -5.82 15.16
N THR A 2 -7.82 -6.31 16.22
CA THR A 2 -8.30 -7.71 16.34
C THR A 2 -9.38 -8.06 15.30
N LYS A 3 -10.21 -7.07 14.93
CA LYS A 3 -11.34 -7.12 13.96
C LYS A 3 -12.50 -8.04 14.38
N VAL A 4 -13.71 -7.72 13.91
CA VAL A 4 -14.94 -8.50 14.13
C VAL A 4 -15.00 -9.62 13.07
N GLU A 5 -14.20 -10.66 13.27
CA GLU A 5 -14.06 -11.80 12.35
C GLU A 5 -15.39 -12.50 12.04
N ALA A 6 -15.76 -12.52 10.75
CA ALA A 6 -16.98 -13.16 10.23
C ALA A 6 -16.82 -13.64 8.77
N LEU A 7 -16.19 -12.80 7.91
CA LEU A 7 -15.89 -13.08 6.49
C LEU A 7 -17.11 -13.51 5.63
N HIS A 8 -18.34 -13.19 6.06
CA HIS A 8 -19.61 -13.57 5.40
C HIS A 8 -19.77 -13.04 3.96
N GLN A 9 -19.42 -13.86 2.97
CA GLN A 9 -19.45 -13.54 1.53
C GLN A 9 -20.86 -13.35 0.91
N ASN A 10 -21.94 -13.47 1.70
CA ASN A 10 -23.33 -13.31 1.23
C ASN A 10 -23.60 -11.99 0.49
N ARG A 11 -22.93 -10.91 0.91
CA ARG A 11 -23.00 -9.56 0.28
C ARG A 11 -21.70 -8.76 0.34
N GLU A 12 -20.82 -9.06 1.31
CA GLU A 12 -19.51 -8.38 1.45
C GLU A 12 -18.48 -9.02 0.51
N MET A 13 -17.63 -8.19 -0.12
CA MET A 13 -16.53 -8.65 -0.98
C MET A 13 -15.34 -9.15 -0.15
N ILE A 14 -14.43 -9.91 -0.77
CA ILE A 14 -13.20 -10.39 -0.11
C ILE A 14 -12.31 -9.20 0.30
N ASP A 15 -11.76 -9.25 1.50
CA ASP A 15 -10.98 -8.16 2.12
C ASP A 15 -9.63 -8.65 2.69
N PRO A 16 -8.65 -8.94 1.82
CA PRO A 16 -7.33 -9.41 2.24
C PRO A 16 -6.51 -8.27 2.87
N ASP A 17 -5.63 -8.61 3.81
CA ASP A 17 -4.69 -7.66 4.41
C ASP A 17 -3.53 -7.44 3.43
N LYS A 18 -3.11 -6.18 3.22
CA LYS A 18 -2.06 -5.80 2.26
C LYS A 18 -1.12 -4.75 2.86
N PHE A 19 0.06 -4.60 2.25
CA PHE A 19 1.11 -3.66 2.68
C PHE A 19 1.89 -3.09 1.49
N CYS A 20 2.42 -1.89 1.66
CA CYS A 20 3.25 -1.15 0.70
C CYS A 20 4.63 -0.88 1.31
N SER A 21 5.65 -1.55 0.77
CA SER A 21 7.05 -1.41 1.22
C SER A 21 7.72 -0.11 0.75
N LEU A 22 7.14 0.59 -0.22
CA LEU A 22 7.66 1.85 -0.75
C LEU A 22 7.18 3.07 0.09
N CYS A 23 5.99 2.98 0.67
CA CYS A 23 5.33 4.02 1.45
C CYS A 23 5.15 3.68 2.95
N HIS A 24 5.48 2.45 3.37
CA HIS A 24 5.29 1.92 4.74
C HIS A 24 3.85 2.12 5.22
N ALA A 25 2.90 1.57 4.46
CA ALA A 25 1.45 1.69 4.68
C ALA A 25 0.76 0.31 4.63
N THR A 26 -0.34 0.14 5.37
CA THR A 26 -1.11 -1.12 5.51
C THR A 26 -2.57 -0.91 5.12
N PHE A 27 -3.21 -1.93 4.54
CA PHE A 27 -4.60 -1.89 4.06
C PHE A 27 -5.34 -3.16 4.49
N ASN A 28 -6.66 -3.05 4.71
CA ASN A 28 -7.51 -4.15 5.20
C ASN A 28 -8.82 -4.31 4.41
N ASP A 29 -8.91 -3.74 3.20
CA ASP A 29 -10.06 -3.78 2.30
C ASP A 29 -9.59 -3.78 0.83
N PRO A 30 -10.40 -4.30 -0.12
CA PRO A 30 -10.00 -4.42 -1.53
C PRO A 30 -9.77 -3.06 -2.20
N VAL A 31 -10.74 -2.16 -2.05
CA VAL A 31 -10.71 -0.82 -2.65
C VAL A 31 -9.66 0.05 -1.96
N MET A 32 -9.46 -0.09 -0.64
CA MET A 32 -8.42 0.63 0.11
C MET A 32 -7.02 0.28 -0.44
N ALA A 33 -6.75 -1.01 -0.66
CA ALA A 33 -5.50 -1.49 -1.26
C ALA A 33 -5.32 -0.93 -2.68
N GLN A 34 -6.34 -1.13 -3.53
CA GLN A 34 -6.32 -0.70 -4.93
C GLN A 34 -6.12 0.82 -5.08
N GLN A 35 -6.80 1.63 -4.26
CA GLN A 35 -6.71 3.10 -4.26
C GLN A 35 -5.30 3.57 -3.89
N HIS A 36 -4.63 2.92 -2.92
CA HIS A 36 -3.27 3.29 -2.56
C HIS A 36 -2.32 3.07 -3.74
N TYR A 37 -2.30 1.88 -4.33
CA TYR A 37 -1.43 1.49 -5.45
C TYR A 37 -1.59 2.29 -6.76
N VAL A 38 -2.53 3.23 -6.85
CA VAL A 38 -2.77 4.08 -8.04
C VAL A 38 -2.88 5.58 -7.70
N GLY A 39 -2.79 5.97 -6.42
CA GLY A 39 -2.89 7.36 -5.98
C GLY A 39 -1.61 8.19 -6.15
N LYS A 40 -1.76 9.51 -6.23
CA LYS A 40 -0.64 10.48 -6.39
C LYS A 40 0.45 10.31 -5.33
N LYS A 41 0.06 10.13 -4.07
CA LYS A 41 0.98 9.92 -2.93
C LYS A 41 1.88 8.67 -3.08
N HIS A 42 1.37 7.61 -3.71
CA HIS A 42 2.14 6.38 -3.97
C HIS A 42 3.17 6.62 -5.09
N ARG A 43 2.74 7.28 -6.18
CA ARG A 43 3.64 7.67 -7.28
C ARG A 43 4.77 8.57 -6.81
N LYS A 44 4.44 9.64 -6.05
CA LYS A 44 5.42 10.60 -5.53
C LYS A 44 6.45 9.95 -4.58
N GLN A 45 6.00 9.15 -3.62
CA GLN A 45 6.89 8.45 -2.68
C GLN A 45 7.71 7.35 -3.36
N GLU A 46 7.16 6.65 -4.36
CA GLU A 46 7.90 5.65 -5.15
C GLU A 46 9.08 6.35 -5.85
N THR A 47 8.85 7.48 -6.54
CA THR A 47 9.91 8.27 -7.20
C THR A 47 10.96 8.74 -6.18
N LYS A 48 10.53 9.24 -5.01
CA LYS A 48 11.43 9.70 -3.93
C LYS A 48 12.35 8.57 -3.44
N LEU A 49 11.79 7.40 -3.10
CA LEU A 49 12.56 6.25 -2.63
C LEU A 49 13.48 5.69 -3.74
N LYS A 50 12.99 5.60 -4.98
CA LYS A 50 13.77 5.16 -6.15
C LYS A 50 14.99 6.06 -6.35
N LEU A 51 14.80 7.38 -6.32
CA LEU A 51 15.88 8.37 -6.42
C LEU A 51 16.87 8.23 -5.26
N MET A 52 16.38 8.10 -4.02
CA MET A 52 17.22 7.93 -2.82
C MET A 52 18.11 6.69 -2.93
N ALA A 53 17.58 5.54 -3.37
CA ALA A 53 18.33 4.30 -3.55
C ALA A 53 19.32 4.39 -4.73
N ARG A 54 18.89 4.90 -5.88
CA ARG A 54 19.69 5.06 -7.11
C ARG A 54 20.87 6.03 -6.94
N TYR A 55 20.61 7.22 -6.41
CA TYR A 55 21.61 8.27 -6.18
C TYR A 55 22.49 8.00 -4.93
N GLY A 56 22.05 7.13 -4.02
CA GLY A 56 22.75 6.74 -2.80
C GLY A 56 24.09 6.03 -3.01
N ARG A 57 24.42 5.61 -4.24
CA ARG A 57 25.67 4.96 -4.68
C ARG A 57 26.85 5.95 -4.77
N LEU A 58 27.03 6.76 -3.72
CA LEU A 58 28.05 7.82 -3.58
C LEU A 58 29.50 7.30 -3.39
N ALA A 59 29.70 5.99 -3.29
CA ALA A 59 31.01 5.34 -3.11
C ALA A 59 31.14 4.04 -3.93
N ASP A 60 32.37 3.57 -4.12
CA ASP A 60 32.71 2.35 -4.89
C ASP A 60 33.94 1.65 -4.31
ZN ZN B . 2.65 3.00 -1.61
N SER A 1 -22.05 -29.03 13.42
CA SER A 1 -22.89 -29.26 12.23
C SER A 1 -24.35 -29.60 12.54
N THR A 2 -24.71 -29.66 13.84
CA THR A 2 -26.08 -29.96 14.33
C THR A 2 -27.11 -28.87 13.95
N LYS A 3 -26.63 -27.64 13.70
CA LYS A 3 -27.41 -26.45 13.29
C LYS A 3 -26.65 -25.67 12.19
N VAL A 4 -27.28 -24.63 11.64
CA VAL A 4 -26.74 -23.75 10.59
C VAL A 4 -26.77 -22.27 11.01
N GLU A 5 -26.01 -21.44 10.29
CA GLU A 5 -25.88 -19.99 10.53
C GLU A 5 -25.61 -19.20 9.24
N ALA A 6 -25.66 -17.86 9.32
CA ALA A 6 -25.43 -16.92 8.22
C ALA A 6 -23.94 -16.81 7.78
N LEU A 7 -23.21 -17.93 7.71
CA LEU A 7 -21.78 -18.03 7.34
C LEU A 7 -21.43 -17.28 6.04
N HIS A 8 -22.33 -17.28 5.05
CA HIS A 8 -22.17 -16.61 3.75
C HIS A 8 -22.38 -15.09 3.77
N GLN A 9 -22.71 -14.49 4.91
CA GLN A 9 -22.92 -13.04 5.10
C GLN A 9 -21.77 -12.44 5.91
N ASN A 10 -21.08 -11.46 5.33
CA ASN A 10 -19.93 -10.76 5.91
C ASN A 10 -19.82 -9.32 5.34
N ARG A 11 -18.88 -8.52 5.86
CA ARG A 11 -18.55 -7.15 5.43
C ARG A 11 -17.90 -7.15 4.03
N GLU A 12 -17.46 -5.97 3.56
CA GLU A 12 -16.76 -5.77 2.28
C GLU A 12 -15.44 -6.58 2.18
N MET A 13 -14.84 -6.63 0.98
CA MET A 13 -13.58 -7.35 0.68
C MET A 13 -12.46 -7.11 1.72
N ILE A 14 -11.60 -8.12 1.91
CA ILE A 14 -10.48 -8.15 2.87
C ILE A 14 -9.68 -6.83 2.89
N ASP A 15 -9.48 -6.29 4.10
CA ASP A 15 -8.87 -4.99 4.39
C ASP A 15 -7.63 -5.09 5.31
N PRO A 16 -6.52 -5.67 4.82
CA PRO A 16 -5.28 -5.80 5.60
C PRO A 16 -4.57 -4.44 5.73
N ASP A 17 -3.76 -4.29 6.79
CA ASP A 17 -2.95 -3.09 6.99
C ASP A 17 -1.72 -3.13 6.05
N LYS A 18 -1.42 -2.00 5.39
CA LYS A 18 -0.30 -1.85 4.45
C LYS A 18 0.43 -0.52 4.67
N PHE A 19 1.65 -0.42 4.15
CA PHE A 19 2.52 0.75 4.33
C PHE A 19 3.43 0.98 3.10
N CYS A 20 3.83 2.23 2.89
CA CYS A 20 4.73 2.70 1.85
C CYS A 20 5.92 3.40 2.54
N SER A 21 7.09 2.78 2.49
CA SER A 21 8.32 3.30 3.09
C SER A 21 8.95 4.46 2.30
N LEU A 22 8.52 4.69 1.05
CA LEU A 22 9.00 5.78 0.21
C LEU A 22 8.22 7.07 0.53
N CYS A 23 6.88 6.99 0.55
CA CYS A 23 5.97 8.10 0.85
C CYS A 23 5.71 8.30 2.36
N HIS A 24 6.07 7.33 3.21
CA HIS A 24 5.77 7.30 4.66
C HIS A 24 4.24 7.43 4.88
N ALA A 25 3.50 6.52 4.25
CA ALA A 25 2.03 6.47 4.23
C ALA A 25 1.50 5.09 4.61
N THR A 26 0.35 5.02 5.30
CA THR A 26 -0.28 3.79 5.81
C THR A 26 -1.70 3.63 5.25
N PHE A 27 -2.14 2.38 5.04
CA PHE A 27 -3.45 2.05 4.46
C PHE A 27 -4.11 0.90 5.24
N ASN A 28 -5.44 0.84 5.23
CA ASN A 28 -6.24 -0.17 5.94
C ASN A 28 -7.52 -0.57 5.17
N ASP A 29 -7.44 -0.54 3.84
CA ASP A 29 -8.53 -0.86 2.89
C ASP A 29 -7.90 -1.35 1.56
N PRO A 30 -8.50 -2.32 0.84
CA PRO A 30 -7.92 -2.88 -0.38
C PRO A 30 -7.70 -1.86 -1.49
N VAL A 31 -8.76 -1.11 -1.81
CA VAL A 31 -8.75 -0.10 -2.88
C VAL A 31 -7.83 1.06 -2.51
N MET A 32 -7.82 1.50 -1.25
CA MET A 32 -6.92 2.55 -0.76
C MET A 32 -5.44 2.17 -0.97
N ALA A 33 -5.06 0.94 -0.59
CA ALA A 33 -3.72 0.40 -0.80
C ALA A 33 -3.36 0.35 -2.28
N GLN A 34 -4.21 -0.29 -3.09
CA GLN A 34 -4.00 -0.44 -4.54
C GLN A 34 -3.87 0.91 -5.26
N GLN A 35 -4.74 1.88 -4.93
CA GLN A 35 -4.74 3.22 -5.52
C GLN A 35 -3.48 4.01 -5.18
N HIS A 36 -2.97 3.90 -3.93
CA HIS A 36 -1.74 4.61 -3.54
C HIS A 36 -0.55 4.22 -4.42
N TYR A 37 -0.27 2.91 -4.55
CA TYR A 37 0.87 2.39 -5.32
C TYR A 37 0.87 2.71 -6.83
N VAL A 38 -0.21 3.31 -7.37
CA VAL A 38 -0.32 3.71 -8.80
C VAL A 38 -0.68 5.20 -8.97
N GLY A 39 -0.86 5.96 -7.88
CA GLY A 39 -1.21 7.38 -7.91
C GLY A 39 -0.04 8.29 -8.29
N LYS A 40 -0.33 9.45 -8.90
CA LYS A 40 0.67 10.43 -9.36
C LYS A 40 1.66 10.83 -8.27
N LYS A 41 1.18 11.01 -7.03
CA LYS A 41 2.02 11.36 -5.86
C LYS A 41 3.06 10.27 -5.58
N HIS A 42 2.68 8.99 -5.62
CA HIS A 42 3.62 7.86 -5.44
C HIS A 42 4.66 7.83 -6.56
N ARG A 43 4.24 7.98 -7.83
CA ARG A 43 5.18 8.05 -8.98
C ARG A 43 6.21 9.17 -8.79
N LYS A 44 5.76 10.36 -8.39
CA LYS A 44 6.62 11.53 -8.13
C LYS A 44 7.60 11.27 -6.97
N GLN A 45 7.11 10.79 -5.83
CA GLN A 45 7.95 10.49 -4.65
C GLN A 45 8.94 9.35 -4.91
N GLU A 46 8.53 8.29 -5.61
CA GLU A 46 9.39 7.18 -6.01
C GLU A 46 10.52 7.69 -6.92
N THR A 47 10.19 8.57 -7.88
CA THR A 47 11.18 9.21 -8.76
C THR A 47 12.14 10.10 -7.95
N LYS A 48 11.63 10.93 -7.02
CA LYS A 48 12.45 11.78 -6.15
C LYS A 48 13.43 10.96 -5.32
N LEU A 49 12.96 9.88 -4.69
CA LEU A 49 13.78 8.96 -3.90
C LEU A 49 14.81 8.24 -4.77
N LYS A 50 14.44 7.79 -5.98
CA LYS A 50 15.36 7.14 -6.93
C LYS A 50 16.50 8.09 -7.33
N LEU A 51 16.19 9.36 -7.64
CA LEU A 51 17.19 10.38 -7.95
C LEU A 51 18.08 10.68 -6.72
N MET A 52 17.50 10.79 -5.52
CA MET A 52 18.25 10.98 -4.28
C MET A 52 19.26 9.83 -4.05
N ALA A 53 18.83 8.59 -4.27
CA ALA A 53 19.70 7.40 -4.18
C ALA A 53 20.79 7.40 -5.26
N ARG A 54 20.47 7.82 -6.49
CA ARG A 54 21.41 7.94 -7.62
C ARG A 54 22.55 8.93 -7.33
N TYR A 55 22.23 10.06 -6.69
CA TYR A 55 23.20 11.09 -6.28
C TYR A 55 24.04 10.66 -5.05
N GLY A 56 23.59 9.67 -4.28
CA GLY A 56 24.30 9.14 -3.10
C GLY A 56 25.40 8.13 -3.47
N ARG A 57 26.27 7.80 -2.50
CA ARG A 57 27.37 6.84 -2.69
C ARG A 57 26.84 5.41 -2.85
N LEU A 58 27.24 4.74 -3.93
CA LEU A 58 26.86 3.35 -4.27
C LEU A 58 27.95 2.71 -5.15
N ALA A 59 28.20 1.41 -4.95
CA ALA A 59 29.19 0.61 -5.68
C ALA A 59 30.61 1.27 -5.76
N ASP A 60 31.36 1.02 -6.84
CA ASP A 60 32.71 1.54 -7.07
C ASP A 60 33.00 1.77 -8.57
ZN ZN B . 4.06 5.59 -1.88
N SER A 1 -9.65 -27.96 -3.03
CA SER A 1 -10.43 -26.95 -3.76
C SER A 1 -9.65 -25.62 -3.91
N THR A 2 -10.12 -24.75 -4.81
CA THR A 2 -9.52 -23.43 -5.11
C THR A 2 -9.74 -22.35 -4.03
N LYS A 3 -10.62 -22.60 -3.05
CA LYS A 3 -11.01 -21.70 -1.94
C LYS A 3 -11.61 -20.36 -2.41
N VAL A 4 -11.87 -19.44 -1.47
CA VAL A 4 -12.48 -18.12 -1.72
C VAL A 4 -11.99 -17.07 -0.70
N GLU A 5 -11.92 -15.81 -1.14
CA GLU A 5 -11.47 -14.65 -0.33
C GLU A 5 -12.29 -13.38 -0.64
N ALA A 6 -13.57 -13.56 -1.01
CA ALA A 6 -14.53 -12.51 -1.36
C ALA A 6 -15.05 -11.75 -0.11
N LEU A 7 -14.14 -11.09 0.61
CA LEU A 7 -14.38 -10.31 1.85
C LEU A 7 -15.14 -8.98 1.58
N HIS A 8 -16.34 -9.09 1.01
CA HIS A 8 -17.25 -7.99 0.63
C HIS A 8 -18.69 -8.21 1.13
N GLN A 9 -18.82 -8.87 2.29
CA GLN A 9 -20.07 -9.24 2.95
C GLN A 9 -19.99 -8.93 4.47
N ASN A 10 -21.07 -9.17 5.22
CA ASN A 10 -21.21 -8.92 6.66
C ASN A 10 -21.14 -7.41 7.02
N ARG A 11 -21.22 -7.08 8.33
CA ARG A 11 -21.17 -5.69 8.86
C ARG A 11 -19.90 -4.92 8.49
N GLU A 12 -19.93 -3.61 8.67
CA GLU A 12 -18.79 -2.70 8.41
C GLU A 12 -17.55 -3.11 9.22
N MET A 13 -16.43 -3.35 8.52
CA MET A 13 -15.15 -3.77 9.13
C MET A 13 -14.45 -2.67 9.93
N ILE A 14 -13.45 -3.07 10.73
CA ILE A 14 -12.62 -2.19 11.57
C ILE A 14 -11.85 -1.13 10.75
N ASP A 15 -11.52 -0.01 11.41
CA ASP A 15 -10.84 1.17 10.86
C ASP A 15 -9.55 1.52 11.64
N PRO A 16 -8.50 0.68 11.57
CA PRO A 16 -7.23 0.89 12.28
C PRO A 16 -6.34 1.94 11.61
N ASP A 17 -5.35 2.45 12.35
CA ASP A 17 -4.34 3.37 11.81
C ASP A 17 -3.34 2.57 10.94
N LYS A 18 -3.01 3.09 9.76
CA LYS A 18 -2.07 2.49 8.80
C LYS A 18 -1.14 3.57 8.25
N PHE A 19 0.00 3.15 7.71
CA PHE A 19 1.04 4.04 7.17
C PHE A 19 1.77 3.41 5.97
N CYS A 20 2.28 4.28 5.10
CA CYS A 20 3.05 3.94 3.90
C CYS A 20 4.41 4.67 3.99
N SER A 21 5.45 3.91 4.36
CA SER A 21 6.82 4.43 4.52
C SER A 21 7.48 4.82 3.19
N LEU A 22 6.96 4.34 2.05
CA LEU A 22 7.48 4.66 0.72
C LEU A 22 6.94 6.00 0.20
N CYS A 23 5.70 6.35 0.55
CA CYS A 23 4.99 7.56 0.13
C CYS A 23 4.87 8.63 1.24
N HIS A 24 5.24 8.30 2.48
CA HIS A 24 5.10 9.15 3.68
C HIS A 24 3.63 9.62 3.85
N ALA A 25 2.72 8.64 3.87
CA ALA A 25 1.26 8.84 3.96
C ALA A 25 0.63 7.98 5.07
N THR A 26 -0.41 8.51 5.73
CA THR A 26 -1.11 7.86 6.86
C THR A 26 -2.61 7.71 6.57
N PHE A 27 -3.24 6.64 7.08
CA PHE A 27 -4.65 6.32 6.84
C PHE A 27 -5.33 5.86 8.14
N ASN A 28 -6.64 6.08 8.27
CA ASN A 28 -7.44 5.72 9.45
C ASN A 28 -8.83 5.13 9.08
N ASP A 29 -8.93 4.51 7.90
CA ASP A 29 -10.12 3.83 7.38
C ASP A 29 -9.69 2.64 6.50
N PRO A 30 -10.50 1.55 6.42
CA PRO A 30 -10.13 0.35 5.67
C PRO A 30 -9.98 0.61 4.17
N VAL A 31 -10.97 1.28 3.59
CA VAL A 31 -11.02 1.59 2.16
C VAL A 31 -9.96 2.64 1.80
N MET A 32 -9.72 3.63 2.67
CA MET A 32 -8.66 4.64 2.46
C MET A 32 -7.28 3.98 2.37
N ALA A 33 -6.97 3.07 3.30
CA ALA A 33 -5.73 2.29 3.30
C ALA A 33 -5.62 1.44 2.03
N GLN A 34 -6.64 0.63 1.75
CA GLN A 34 -6.68 -0.27 0.60
C GLN A 34 -6.53 0.48 -0.75
N GLN A 35 -7.24 1.60 -0.92
CA GLN A 35 -7.19 2.43 -2.12
C GLN A 35 -5.81 3.04 -2.36
N HIS A 36 -5.12 3.46 -1.30
CA HIS A 36 -3.76 4.01 -1.44
C HIS A 36 -2.82 2.96 -2.04
N TYR A 37 -2.73 1.77 -1.44
CA TYR A 37 -1.85 0.66 -1.88
C TYR A 37 -2.06 0.14 -3.31
N VAL A 38 -3.08 0.60 -4.05
CA VAL A 38 -3.36 0.20 -5.45
C VAL A 38 -3.51 1.39 -6.42
N GLY A 39 -3.41 2.63 -5.94
CA GLY A 39 -3.56 3.84 -6.77
C GLY A 39 -2.28 4.24 -7.51
N LYS A 40 -2.43 4.94 -8.64
CA LYS A 40 -1.31 5.41 -9.49
C LYS A 40 -0.25 6.20 -8.72
N LYS A 41 -0.64 7.04 -7.75
CA LYS A 41 0.29 7.80 -6.90
C LYS A 41 1.24 6.88 -6.11
N HIS A 42 0.71 5.80 -5.53
CA HIS A 42 1.53 4.80 -4.82
C HIS A 42 2.48 4.07 -5.77
N ARG A 43 1.99 3.63 -6.95
CA ARG A 43 2.84 3.00 -7.98
C ARG A 43 3.98 3.94 -8.41
N LYS A 44 3.67 5.21 -8.66
CA LYS A 44 4.64 6.26 -9.04
C LYS A 44 5.70 6.50 -7.96
N GLN A 45 5.29 6.76 -6.72
CA GLN A 45 6.22 7.00 -5.61
C GLN A 45 7.04 5.74 -5.25
N GLU A 46 6.45 4.55 -5.27
CA GLU A 46 7.17 3.29 -5.06
C GLU A 46 8.25 3.11 -6.14
N THR A 47 7.90 3.33 -7.41
CA THR A 47 8.87 3.27 -8.53
C THR A 47 9.97 4.32 -8.35
N LYS A 48 9.62 5.56 -7.99
CA LYS A 48 10.59 6.65 -7.73
C LYS A 48 11.58 6.24 -6.63
N LEU A 49 11.09 5.71 -5.51
CA LEU A 49 11.93 5.24 -4.40
C LEU A 49 12.81 4.05 -4.83
N LYS A 50 12.25 3.09 -5.58
CA LYS A 50 12.98 1.92 -6.09
C LYS A 50 14.16 2.35 -6.97
N LEU A 51 13.94 3.31 -7.88
CA LEU A 51 14.97 3.90 -8.74
C LEU A 51 16.00 4.67 -7.89
N MET A 52 15.54 5.47 -6.91
CA MET A 52 16.43 6.22 -6.00
C MET A 52 17.37 5.27 -5.23
N ALA A 53 16.86 4.11 -4.78
CA ALA A 53 17.66 3.09 -4.10
C ALA A 53 18.63 2.39 -5.07
N ARG A 54 18.15 2.02 -6.28
CA ARG A 54 18.94 1.36 -7.35
C ARG A 54 20.16 2.21 -7.78
N TYR A 55 19.95 3.51 -7.95
CA TYR A 55 21.00 4.48 -8.29
C TYR A 55 21.72 5.07 -7.05
N GLY A 56 21.33 4.65 -5.85
CA GLY A 56 21.92 5.05 -4.56
C GLY A 56 23.20 4.29 -4.18
N ARG A 57 23.66 3.37 -5.06
CA ARG A 57 24.87 2.56 -4.91
C ARG A 57 25.63 2.45 -6.24
N LEU A 58 26.93 2.19 -6.17
CA LEU A 58 27.84 2.09 -7.34
C LEU A 58 29.07 1.19 -7.16
N ALA A 59 29.37 0.75 -5.94
CA ALA A 59 30.53 -0.11 -5.61
C ALA A 59 30.19 -1.13 -4.49
N ASP A 60 28.89 -1.43 -4.30
CA ASP A 60 28.35 -2.30 -3.26
C ASP A 60 27.00 -2.93 -3.68
ZN ZN B . 2.22 4.42 -0.79
N SER A 1 -15.81 -28.58 3.92
CA SER A 1 -15.60 -28.13 5.31
C SER A 1 -16.61 -28.71 6.32
N THR A 2 -17.52 -29.58 5.85
CA THR A 2 -18.59 -30.28 6.60
C THR A 2 -19.40 -29.41 7.59
N LYS A 3 -19.52 -28.11 7.30
CA LYS A 3 -20.24 -27.09 8.09
C LYS A 3 -20.81 -25.99 7.17
N VAL A 4 -21.90 -25.35 7.58
CA VAL A 4 -22.57 -24.25 6.85
C VAL A 4 -21.66 -23.04 6.65
N GLU A 5 -20.75 -22.79 7.62
CA GLU A 5 -19.77 -21.69 7.63
C GLU A 5 -20.40 -20.28 7.60
N ALA A 6 -19.59 -19.23 7.37
CA ALA A 6 -19.99 -17.81 7.34
C ALA A 6 -20.77 -17.33 8.59
N LEU A 7 -20.50 -17.95 9.76
CA LEU A 7 -21.16 -17.71 11.06
C LEU A 7 -21.27 -16.23 11.50
N HIS A 8 -20.36 -15.36 11.05
CA HIS A 8 -20.37 -13.92 11.37
C HIS A 8 -21.52 -13.15 10.70
N GLN A 9 -22.05 -13.67 9.58
CA GLN A 9 -23.17 -13.16 8.77
C GLN A 9 -23.10 -11.69 8.29
N ASN A 10 -21.98 -10.98 8.52
CA ASN A 10 -21.77 -9.57 8.16
C ASN A 10 -20.32 -9.30 7.70
N ARG A 11 -19.81 -10.10 6.76
CA ARG A 11 -18.45 -9.96 6.19
C ARG A 11 -18.39 -8.83 5.15
N GLU A 12 -18.69 -7.61 5.61
CA GLU A 12 -18.71 -6.36 4.83
C GLU A 12 -17.28 -5.91 4.38
N MET A 13 -17.19 -4.72 3.77
CA MET A 13 -15.93 -4.11 3.30
C MET A 13 -14.79 -4.21 4.34
N ILE A 14 -13.62 -4.66 3.89
CA ILE A 14 -12.41 -4.85 4.71
C ILE A 14 -11.42 -3.70 4.49
N ASP A 15 -10.79 -3.25 5.57
CA ASP A 15 -9.88 -2.10 5.66
C ASP A 15 -8.56 -2.46 6.36
N PRO A 16 -7.66 -3.22 5.70
CA PRO A 16 -6.39 -3.64 6.27
C PRO A 16 -5.39 -2.47 6.34
N ASP A 17 -4.45 -2.55 7.28
CA ASP A 17 -3.35 -1.58 7.39
C ASP A 17 -2.32 -1.85 6.27
N LYS A 18 -1.84 -0.79 5.60
CA LYS A 18 -0.88 -0.86 4.49
C LYS A 18 0.17 0.24 4.62
N PHE A 19 1.31 0.04 3.96
CA PHE A 19 2.44 0.96 3.96
C PHE A 19 3.20 0.92 2.63
N CYS A 20 3.69 2.08 2.18
CA CYS A 20 4.47 2.27 0.97
C CYS A 20 5.92 2.60 1.37
N SER A 21 6.80 1.59 1.31
CA SER A 21 8.22 1.72 1.67
C SER A 21 9.02 2.61 0.71
N LEU A 22 8.46 2.92 -0.47
CA LEU A 22 9.08 3.77 -1.49
C LEU A 22 8.74 5.27 -1.30
N CYS A 23 7.67 5.57 -0.56
CA CYS A 23 7.14 6.91 -0.31
C CYS A 23 7.05 7.30 1.18
N HIS A 24 7.22 6.33 2.10
CA HIS A 24 7.07 6.47 3.55
C HIS A 24 5.68 7.01 3.93
N ALA A 25 4.64 6.31 3.46
CA ALA A 25 3.22 6.63 3.65
C ALA A 25 2.43 5.41 4.15
N THR A 26 1.43 5.63 5.02
CA THR A 26 0.61 4.59 5.67
C THR A 26 -0.88 4.76 5.34
N PHE A 27 -1.63 3.65 5.22
CA PHE A 27 -3.06 3.65 4.87
C PHE A 27 -3.83 2.66 5.76
N ASN A 28 -5.12 2.92 5.99
CA ASN A 28 -6.00 2.10 6.85
C ASN A 28 -7.42 1.95 6.25
N ASP A 29 -7.53 2.01 4.92
CA ASP A 29 -8.78 1.91 4.14
C ASP A 29 -8.43 1.40 2.72
N PRO A 30 -9.30 0.59 2.07
CA PRO A 30 -8.98 -0.02 0.77
C PRO A 30 -8.76 1.00 -0.35
N VAL A 31 -9.65 2.00 -0.43
CA VAL A 31 -9.62 3.05 -1.45
C VAL A 31 -8.47 4.02 -1.18
N MET A 32 -8.19 4.35 0.09
CA MET A 32 -7.04 5.20 0.47
C MET A 32 -5.72 4.57 -0.02
N ALA A 33 -5.54 3.26 0.21
CA ALA A 33 -4.38 2.51 -0.27
C ALA A 33 -4.31 2.53 -1.80
N GLN A 34 -5.40 2.12 -2.46
CA GLN A 34 -5.48 2.06 -3.92
C GLN A 34 -5.21 3.41 -4.61
N GLN A 35 -5.75 4.51 -4.06
CA GLN A 35 -5.56 5.87 -4.57
C GLN A 35 -4.08 6.28 -4.50
N HIS A 36 -3.38 5.95 -3.41
CA HIS A 36 -1.94 6.23 -3.32
C HIS A 36 -1.17 5.45 -4.40
N TYR A 37 -1.39 4.14 -4.49
CA TYR A 37 -0.72 3.24 -5.45
C TYR A 37 -1.00 3.51 -6.95
N VAL A 38 -1.83 4.51 -7.29
CA VAL A 38 -2.15 4.88 -8.69
C VAL A 38 -1.97 6.38 -9.00
N GLY A 39 -2.03 7.25 -7.99
CA GLY A 39 -1.89 8.72 -8.16
C GLY A 39 -0.48 9.19 -8.53
N LYS A 40 -0.40 10.39 -9.12
CA LYS A 40 0.85 11.04 -9.59
C LYS A 40 1.94 11.16 -8.52
N LYS A 41 1.57 11.35 -7.25
CA LYS A 41 2.49 11.48 -6.11
C LYS A 41 3.37 10.23 -5.95
N HIS A 42 2.80 9.02 -6.07
CA HIS A 42 3.54 7.76 -5.99
C HIS A 42 4.52 7.64 -7.15
N ARG A 43 4.11 8.05 -8.36
CA ARG A 43 4.97 8.00 -9.56
C ARG A 43 6.21 8.87 -9.39
N LYS A 44 6.03 10.11 -8.93
CA LYS A 44 7.14 11.06 -8.68
C LYS A 44 8.06 10.60 -7.55
N GLN A 45 7.52 10.15 -6.41
CA GLN A 45 8.31 9.65 -5.29
C GLN A 45 9.06 8.36 -5.62
N GLU A 46 8.43 7.42 -6.32
CA GLU A 46 9.07 6.18 -6.78
C GLU A 46 10.23 6.52 -7.73
N THR A 47 10.03 7.47 -8.65
CA THR A 47 11.08 7.95 -9.56
C THR A 47 12.23 8.59 -8.79
N LYS A 48 11.95 9.44 -7.78
CA LYS A 48 12.97 10.09 -6.94
C LYS A 48 13.85 9.04 -6.23
N LEU A 49 13.24 8.04 -5.60
CA LEU A 49 13.97 6.96 -4.93
C LEU A 49 14.74 6.08 -5.94
N LYS A 50 14.14 5.75 -7.09
CA LYS A 50 14.79 4.97 -8.17
C LYS A 50 16.07 5.66 -8.64
N LEU A 51 16.01 6.98 -8.90
CA LEU A 51 17.18 7.78 -9.29
C LEU A 51 18.25 7.75 -8.18
N MET A 52 17.88 8.00 -6.92
CA MET A 52 18.81 7.94 -5.79
C MET A 52 19.51 6.58 -5.70
N ALA A 53 18.76 5.47 -5.79
CA ALA A 53 19.29 4.12 -5.78
C ALA A 53 20.24 3.85 -6.97
N ARG A 54 19.85 4.29 -8.18
CA ARG A 54 20.66 4.15 -9.41
C ARG A 54 22.00 4.91 -9.31
N TYR A 55 21.99 6.11 -8.70
CA TYR A 55 23.20 6.91 -8.51
C TYR A 55 24.07 6.44 -7.32
N GLY A 56 23.49 5.86 -6.26
CA GLY A 56 24.25 5.43 -5.08
C GLY A 56 23.41 4.83 -3.93
N ARG A 57 22.73 3.69 -4.17
CA ARG A 57 21.93 2.96 -3.17
C ARG A 57 22.69 2.66 -1.87
N LEU A 58 21.94 2.55 -0.75
CA LEU A 58 22.47 2.24 0.58
C LEU A 58 22.37 0.72 0.89
N ALA A 59 23.27 0.22 1.74
CA ALA A 59 23.29 -1.17 2.18
C ALA A 59 22.31 -1.49 3.33
N ASP A 60 21.84 -0.47 4.06
CA ASP A 60 20.91 -0.53 5.20
C ASP A 60 21.03 -1.79 6.08
ZN ZN B . 4.02 5.15 -2.80
N SER A 1 -10.90 -11.71 -7.92
CA SER A 1 -11.67 -11.15 -9.04
C SER A 1 -13.17 -10.96 -8.72
N THR A 2 -13.84 -10.11 -9.51
CA THR A 2 -15.29 -9.79 -9.41
C THR A 2 -15.73 -9.30 -8.01
N LYS A 3 -14.81 -8.69 -7.25
CA LYS A 3 -15.04 -8.16 -5.89
C LYS A 3 -16.02 -6.96 -5.91
N VAL A 4 -16.82 -6.84 -4.85
CA VAL A 4 -17.80 -5.77 -4.61
C VAL A 4 -17.78 -5.31 -3.15
N GLU A 5 -18.37 -4.15 -2.86
CA GLU A 5 -18.42 -3.53 -1.52
C GLU A 5 -19.85 -3.09 -1.13
N ALA A 6 -20.87 -3.76 -1.67
CA ALA A 6 -22.29 -3.48 -1.43
C ALA A 6 -22.74 -3.61 0.05
N LEU A 7 -21.97 -4.35 0.87
CA LEU A 7 -22.21 -4.58 2.31
C LEU A 7 -20.87 -4.56 3.09
N HIS A 8 -20.93 -4.18 4.36
CA HIS A 8 -19.80 -4.11 5.31
C HIS A 8 -20.30 -4.19 6.77
N GLN A 9 -19.40 -4.53 7.70
CA GLN A 9 -19.71 -4.64 9.14
C GLN A 9 -18.54 -4.15 10.02
N ASN A 10 -18.84 -3.84 11.29
CA ASN A 10 -17.86 -3.38 12.30
C ASN A 10 -17.19 -4.53 13.08
N ARG A 11 -17.45 -5.79 12.70
CA ARG A 11 -16.92 -7.02 13.32
C ARG A 11 -16.45 -8.00 12.23
N GLU A 12 -15.18 -7.89 11.88
CA GLU A 12 -14.49 -8.67 10.84
C GLU A 12 -13.10 -9.12 11.35
N MET A 13 -12.23 -9.65 10.46
CA MET A 13 -10.87 -10.11 10.81
C MET A 13 -9.97 -9.03 11.43
N ILE A 14 -8.89 -9.45 12.10
CA ILE A 14 -7.90 -8.61 12.79
C ILE A 14 -7.43 -7.47 11.87
N ASP A 15 -7.50 -6.23 12.38
CA ASP A 15 -7.26 -4.97 11.66
C ASP A 15 -6.16 -4.09 12.30
N PRO A 16 -4.87 -4.40 12.06
CA PRO A 16 -3.75 -3.65 12.61
C PRO A 16 -3.46 -2.37 11.81
N ASP A 17 -2.77 -1.41 12.44
CA ASP A 17 -2.30 -0.20 11.76
C ASP A 17 -1.06 -0.54 10.91
N LYS A 18 -1.02 -0.08 9.66
CA LYS A 18 0.07 -0.32 8.71
C LYS A 18 0.42 0.96 7.97
N PHE A 19 1.63 1.02 7.40
CA PHE A 19 2.15 2.19 6.68
C PHE A 19 3.07 1.77 5.51
N CYS A 20 3.13 2.62 4.50
CA CYS A 20 3.95 2.49 3.30
C CYS A 20 4.78 3.78 3.11
N SER A 21 6.07 3.70 3.42
CA SER A 21 7.02 4.83 3.31
C SER A 21 7.27 5.23 1.85
N LEU A 22 7.22 4.28 0.93
CA LEU A 22 7.44 4.48 -0.51
C LEU A 22 6.31 5.29 -1.20
N CYS A 23 5.10 5.23 -0.63
CA CYS A 23 3.88 5.88 -1.14
C CYS A 23 3.28 6.94 -0.20
N HIS A 24 3.83 7.07 1.02
CA HIS A 24 3.34 7.96 2.09
C HIS A 24 1.84 7.71 2.36
N ALA A 25 1.50 6.44 2.59
CA ALA A 25 0.13 5.94 2.77
C ALA A 25 -0.02 5.12 4.08
N THR A 26 -1.18 5.21 4.72
CA THR A 26 -1.50 4.53 6.01
C THR A 26 -2.78 3.71 5.88
N PHE A 27 -2.86 2.58 6.59
CA PHE A 27 -3.99 1.63 6.53
C PHE A 27 -4.37 1.12 7.93
N ASN A 28 -5.65 0.75 8.11
CA ASN A 28 -6.20 0.25 9.38
C ASN A 28 -7.19 -0.91 9.16
N ASP A 29 -6.98 -1.72 8.13
CA ASP A 29 -7.76 -2.91 7.77
C ASP A 29 -6.86 -3.94 7.07
N PRO A 30 -7.12 -5.26 7.22
CA PRO A 30 -6.26 -6.31 6.65
C PRO A 30 -6.24 -6.29 5.12
N VAL A 31 -7.43 -6.26 4.52
CA VAL A 31 -7.61 -6.28 3.07
C VAL A 31 -7.13 -4.97 2.44
N MET A 32 -7.34 -3.81 3.08
CA MET A 32 -6.84 -2.53 2.58
C MET A 32 -5.30 -2.52 2.52
N ALA A 33 -4.65 -2.97 3.60
CA ALA A 33 -3.18 -3.09 3.64
C ALA A 33 -2.67 -4.04 2.54
N GLN A 34 -3.23 -5.25 2.48
CA GLN A 34 -2.84 -6.27 1.52
C GLN A 34 -3.02 -5.81 0.06
N GLN A 35 -4.17 -5.19 -0.26
CA GLN A 35 -4.49 -4.68 -1.60
C GLN A 35 -3.53 -3.57 -2.04
N HIS A 36 -3.12 -2.68 -1.11
CA HIS A 36 -2.16 -1.61 -1.44
C HIS A 36 -0.83 -2.20 -1.95
N TYR A 37 -0.22 -3.10 -1.18
CA TYR A 37 1.08 -3.72 -1.51
C TYR A 37 1.12 -4.54 -2.82
N VAL A 38 -0.03 -4.86 -3.43
CA VAL A 38 -0.12 -5.62 -4.70
C VAL A 38 -0.77 -4.84 -5.85
N GLY A 39 -1.23 -3.61 -5.60
CA GLY A 39 -1.87 -2.75 -6.60
C GLY A 39 -0.85 -2.05 -7.51
N LYS A 40 -1.25 -1.78 -8.77
CA LYS A 40 -0.39 -1.11 -9.78
C LYS A 40 0.19 0.21 -9.29
N LYS A 41 -0.61 1.01 -8.57
CA LYS A 41 -0.20 2.31 -7.99
C LYS A 41 1.01 2.20 -7.05
N HIS A 42 1.07 1.17 -6.21
CA HIS A 42 2.20 0.93 -5.29
C HIS A 42 3.47 0.60 -6.07
N ARG A 43 3.39 -0.32 -7.05
CA ARG A 43 4.53 -0.69 -7.90
C ARG A 43 5.04 0.52 -8.70
N LYS A 44 4.13 1.33 -9.27
CA LYS A 44 4.46 2.57 -9.99
C LYS A 44 5.16 3.59 -9.08
N GLN A 45 4.60 3.89 -7.92
CA GLN A 45 5.19 4.85 -6.96
C GLN A 45 6.53 4.35 -6.39
N GLU A 46 6.70 3.05 -6.14
CA GLU A 46 7.97 2.46 -5.70
C GLU A 46 9.05 2.73 -6.77
N THR A 47 8.76 2.40 -8.04
CA THR A 47 9.67 2.67 -9.16
C THR A 47 9.96 4.18 -9.31
N LYS A 48 8.94 5.03 -9.17
CA LYS A 48 9.09 6.50 -9.25
C LYS A 48 10.05 7.03 -8.18
N LEU A 49 9.84 6.66 -6.91
CA LEU A 49 10.72 7.06 -5.80
C LEU A 49 12.13 6.50 -5.98
N LYS A 50 12.26 5.23 -6.39
CA LYS A 50 13.56 4.57 -6.67
C LYS A 50 14.33 5.33 -7.76
N LEU A 51 13.66 5.74 -8.84
CA LEU A 51 14.23 6.55 -9.92
C LEU A 51 14.70 7.91 -9.38
N MET A 52 13.85 8.62 -8.64
CA MET A 52 14.19 9.91 -8.02
C MET A 52 15.42 9.80 -7.10
N ALA A 53 15.57 8.69 -6.36
CA ALA A 53 16.73 8.42 -5.51
C ALA A 53 17.99 8.11 -6.34
N ARG A 54 17.85 7.26 -7.38
CA ARG A 54 18.94 6.85 -8.31
C ARG A 54 19.60 8.04 -9.01
N TYR A 55 18.79 9.00 -9.47
CA TYR A 55 19.23 10.22 -10.15
C TYR A 55 19.38 11.43 -9.20
N GLY A 56 19.22 11.22 -7.89
CA GLY A 56 19.36 12.24 -6.85
C GLY A 56 20.78 12.35 -6.28
N ARG A 57 20.94 13.16 -5.22
CA ARG A 57 22.23 13.38 -4.52
C ARG A 57 22.75 12.08 -3.87
N LEU A 58 24.07 11.96 -3.72
CA LEU A 58 24.74 10.79 -3.14
C LEU A 58 25.89 11.20 -2.21
N ALA A 59 26.04 10.47 -1.09
CA ALA A 59 27.06 10.69 -0.05
C ALA A 59 27.57 9.36 0.56
N ASP A 60 27.49 8.25 -0.19
CA ASP A 60 27.88 6.90 0.22
C ASP A 60 28.59 6.14 -0.91
ZN ZN B . 2.91 1.68 -1.31
N SER A 1 -19.91 -9.17 14.83
CA SER A 1 -19.16 -9.32 13.57
C SER A 1 -18.59 -10.73 13.36
N THR A 2 -18.90 -11.68 14.26
CA THR A 2 -18.44 -13.08 14.21
C THR A 2 -19.00 -13.86 13.00
N LYS A 3 -18.42 -15.04 12.72
CA LYS A 3 -18.82 -15.97 11.67
C LYS A 3 -18.39 -17.39 12.04
N VAL A 4 -19.36 -18.26 12.33
CA VAL A 4 -19.14 -19.67 12.75
C VAL A 4 -20.24 -20.64 12.26
N GLU A 5 -21.45 -20.14 11.99
CA GLU A 5 -22.59 -20.90 11.46
C GLU A 5 -23.37 -20.06 10.42
N ALA A 6 -24.06 -20.71 9.49
CA ALA A 6 -24.84 -20.05 8.45
C ALA A 6 -26.03 -19.24 9.02
N LEU A 7 -26.25 -18.03 8.49
CA LEU A 7 -27.35 -17.14 8.88
C LEU A 7 -27.64 -16.10 7.78
N HIS A 8 -26.62 -15.34 7.36
CA HIS A 8 -26.69 -14.31 6.29
C HIS A 8 -25.41 -14.24 5.43
N GLN A 9 -24.22 -14.44 6.04
CA GLN A 9 -22.89 -14.39 5.40
C GLN A 9 -22.61 -13.10 4.57
N ASN A 10 -23.24 -11.98 4.95
CA ASN A 10 -23.10 -10.67 4.28
C ASN A 10 -21.75 -9.99 4.64
N ARG A 11 -20.69 -10.32 3.89
CA ARG A 11 -19.33 -9.76 4.05
C ARG A 11 -18.72 -9.40 2.68
N GLU A 12 -17.81 -8.42 2.68
CA GLU A 12 -17.11 -7.91 1.50
C GLU A 12 -15.83 -8.73 1.16
N MET A 13 -15.12 -8.33 0.09
CA MET A 13 -13.87 -8.94 -0.39
C MET A 13 -12.74 -8.88 0.66
N ILE A 14 -11.72 -9.73 0.49
CA ILE A 14 -10.54 -9.79 1.38
C ILE A 14 -9.85 -8.42 1.54
N ASP A 15 -9.43 -8.11 2.76
CA ASP A 15 -8.83 -6.82 3.16
C ASP A 15 -7.52 -6.99 3.96
N PRO A 16 -6.42 -7.43 3.30
CA PRO A 16 -5.14 -7.63 3.97
C PRO A 16 -4.45 -6.30 4.34
N ASP A 17 -3.59 -6.34 5.36
CA ASP A 17 -2.79 -5.18 5.77
C ASP A 17 -1.51 -5.12 4.91
N LYS A 18 -1.15 -3.93 4.40
CA LYS A 18 0.02 -3.72 3.53
C LYS A 18 0.75 -2.42 3.87
N PHE A 19 2.00 -2.31 3.44
CA PHE A 19 2.88 -1.17 3.67
C PHE A 19 3.80 -0.90 2.47
N CYS A 20 3.83 0.35 2.01
CA CYS A 20 4.68 0.85 0.93
C CYS A 20 5.91 1.53 1.55
N SER A 21 6.99 0.76 1.73
CA SER A 21 8.24 1.23 2.37
C SER A 21 8.88 2.42 1.65
N LEU A 22 8.76 2.47 0.32
CA LEU A 22 9.29 3.53 -0.55
C LEU A 22 8.54 4.88 -0.38
N CYS A 23 7.31 4.85 0.14
CA CYS A 23 6.41 6.00 0.32
C CYS A 23 6.01 6.26 1.79
N HIS A 24 6.38 5.37 2.72
CA HIS A 24 6.01 5.39 4.14
C HIS A 24 4.49 5.53 4.34
N ALA A 25 3.74 4.63 3.70
CA ALA A 25 2.27 4.59 3.70
C ALA A 25 1.74 3.18 4.03
N THR A 26 0.64 3.08 4.77
CA THR A 26 0.04 1.81 5.24
C THR A 26 -1.42 1.68 4.77
N PHE A 27 -1.89 0.47 4.46
CA PHE A 27 -3.24 0.20 3.95
C PHE A 27 -3.87 -1.00 4.66
N ASN A 28 -5.20 -1.04 4.70
CA ASN A 28 -6.00 -2.09 5.35
C ASN A 28 -7.29 -2.45 4.57
N ASP A 29 -7.32 -2.20 3.26
CA ASP A 29 -8.43 -2.50 2.35
C ASP A 29 -7.89 -2.76 0.93
N PRO A 30 -8.59 -3.57 0.09
CA PRO A 30 -8.11 -3.92 -1.24
C PRO A 30 -7.98 -2.73 -2.17
N VAL A 31 -9.04 -1.93 -2.26
CA VAL A 31 -9.12 -0.75 -3.13
C VAL A 31 -8.17 0.35 -2.62
N MET A 32 -8.04 0.52 -1.31
CA MET A 32 -7.10 1.47 -0.69
C MET A 32 -5.65 1.16 -1.11
N ALA A 33 -5.25 -0.11 -1.03
CA ALA A 33 -3.94 -0.57 -1.45
C ALA A 33 -3.71 -0.32 -2.95
N GLN A 34 -4.63 -0.82 -3.80
CA GLN A 34 -4.53 -0.68 -5.24
C GLN A 34 -4.50 0.78 -5.72
N GLN A 35 -5.31 1.66 -5.11
CA GLN A 35 -5.37 3.09 -5.44
C GLN A 35 -4.02 3.79 -5.18
N HIS A 36 -3.32 3.43 -4.10
CA HIS A 36 -2.00 3.98 -3.82
C HIS A 36 -1.01 3.61 -4.93
N TYR A 37 -0.87 2.32 -5.24
CA TYR A 37 0.06 1.78 -6.24
C TYR A 37 -0.08 2.32 -7.69
N VAL A 38 -1.14 3.08 -8.01
CA VAL A 38 -1.38 3.68 -9.33
C VAL A 38 -1.59 5.20 -9.29
N GLY A 39 -1.61 5.82 -8.10
CA GLY A 39 -1.82 7.27 -7.93
C GLY A 39 -0.53 8.08 -8.08
N LYS A 40 -0.67 9.35 -8.50
CA LYS A 40 0.45 10.29 -8.72
C LYS A 40 1.40 10.42 -7.52
N LYS A 41 0.90 10.34 -6.29
CA LYS A 41 1.69 10.39 -5.04
C LYS A 41 2.75 9.28 -5.01
N HIS A 42 2.35 8.03 -5.31
CA HIS A 42 3.27 6.88 -5.37
C HIS A 42 4.33 7.07 -6.46
N ARG A 43 3.94 7.51 -7.68
CA ARG A 43 4.90 7.78 -8.77
C ARG A 43 5.94 8.84 -8.37
N LYS A 44 5.51 9.96 -7.80
CA LYS A 44 6.37 11.06 -7.34
C LYS A 44 7.31 10.64 -6.19
N GLN A 45 6.78 10.00 -5.14
CA GLN A 45 7.58 9.54 -4.01
C GLN A 45 8.57 8.43 -4.41
N GLU A 46 8.17 7.46 -5.25
CA GLU A 46 9.06 6.42 -5.76
C GLU A 46 10.22 7.06 -6.55
N THR A 47 9.93 8.04 -7.39
CA THR A 47 10.95 8.78 -8.16
C THR A 47 11.91 9.51 -7.19
N LYS A 48 11.39 10.20 -6.16
CA LYS A 48 12.23 10.89 -5.17
C LYS A 48 13.12 9.92 -4.39
N LEU A 49 12.58 8.78 -3.95
CA LEU A 49 13.33 7.74 -3.23
C LEU A 49 14.44 7.14 -4.13
N LYS A 50 14.11 6.83 -5.39
CA LYS A 50 15.08 6.32 -6.39
C LYS A 50 16.22 7.32 -6.61
N LEU A 51 15.92 8.60 -6.77
CA LEU A 51 16.92 9.67 -6.89
C LEU A 51 17.78 9.77 -5.63
N MET A 52 17.17 9.72 -4.44
CA MET A 52 17.90 9.75 -3.16
C MET A 52 18.88 8.56 -3.05
N ALA A 53 18.47 7.36 -3.45
CA ALA A 53 19.33 6.18 -3.47
C ALA A 53 20.50 6.34 -4.46
N ARG A 54 20.23 6.83 -5.69
CA ARG A 54 21.24 7.11 -6.73
C ARG A 54 22.30 8.11 -6.27
N TYR A 55 21.88 9.19 -5.58
CA TYR A 55 22.78 10.22 -5.04
C TYR A 55 23.53 9.73 -3.79
N GLY A 56 22.90 8.89 -2.94
CA GLY A 56 23.48 8.36 -1.72
C GLY A 56 24.56 7.28 -1.94
N ARG A 57 24.37 6.40 -2.93
CA ARG A 57 25.33 5.33 -3.28
C ARG A 57 26.59 5.91 -3.94
N LEU A 58 27.69 5.95 -3.18
CA LEU A 58 29.01 6.44 -3.63
C LEU A 58 30.15 5.71 -2.91
N ALA A 59 31.33 5.65 -3.57
CA ALA A 59 32.53 4.99 -3.06
C ALA A 59 33.86 5.63 -3.56
N ASP A 60 33.81 6.74 -4.30
CA ASP A 60 34.96 7.46 -4.87
C ASP A 60 34.74 8.98 -4.87
ZN ZN B . 3.92 3.92 -2.65
N SER A 1 -23.01 -11.26 -7.69
CA SER A 1 -23.81 -11.26 -6.47
C SER A 1 -25.16 -11.99 -6.65
N THR A 2 -25.89 -12.21 -5.56
CA THR A 2 -27.20 -12.90 -5.52
C THR A 2 -28.17 -12.25 -4.53
N LYS A 3 -29.48 -12.40 -4.76
CA LYS A 3 -30.57 -11.85 -3.94
C LYS A 3 -30.78 -12.57 -2.59
N VAL A 4 -30.07 -13.67 -2.35
CA VAL A 4 -30.13 -14.50 -1.14
C VAL A 4 -28.72 -14.86 -0.67
N GLU A 5 -28.53 -14.93 0.66
CA GLU A 5 -27.27 -15.29 1.34
C GLU A 5 -27.60 -16.00 2.67
N ALA A 6 -26.85 -17.06 3.00
CA ALA A 6 -27.05 -17.84 4.22
C ALA A 6 -26.55 -17.15 5.50
N LEU A 7 -25.29 -16.67 5.48
CA LEU A 7 -24.62 -15.99 6.60
C LEU A 7 -23.32 -15.26 6.15
N HIS A 8 -22.57 -14.71 7.12
CA HIS A 8 -21.28 -14.01 6.93
C HIS A 8 -20.26 -14.50 7.98
N GLN A 9 -18.96 -14.38 7.69
CA GLN A 9 -17.85 -14.82 8.54
C GLN A 9 -16.67 -13.83 8.52
N ASN A 10 -15.65 -14.06 9.36
CA ASN A 10 -14.44 -13.24 9.48
C ASN A 10 -14.71 -11.74 9.79
N ARG A 11 -15.79 -11.45 10.53
CA ARG A 11 -16.20 -10.10 10.96
C ARG A 11 -15.18 -9.47 11.92
N GLU A 12 -15.24 -8.15 12.08
CA GLU A 12 -14.40 -7.34 12.99
C GLU A 12 -12.88 -7.56 12.80
N MET A 13 -12.43 -7.70 11.55
CA MET A 13 -11.02 -7.89 11.19
C MET A 13 -10.16 -6.69 11.68
N ILE A 14 -8.99 -6.96 12.28
CA ILE A 14 -8.09 -5.95 12.85
C ILE A 14 -7.69 -4.84 11.85
N ASP A 15 -7.64 -3.60 12.33
CA ASP A 15 -7.37 -2.39 11.54
C ASP A 15 -6.21 -1.54 12.13
N PRO A 16 -4.95 -2.01 11.98
CA PRO A 16 -3.77 -1.29 12.48
C PRO A 16 -3.47 -0.06 11.63
N ASP A 17 -2.76 0.91 12.21
CA ASP A 17 -2.31 2.12 11.51
C ASP A 17 -0.93 1.83 10.87
N LYS A 18 -0.74 2.21 9.61
CA LYS A 18 0.49 1.97 8.83
C LYS A 18 0.88 3.20 8.01
N PHE A 19 2.13 3.24 7.55
CA PHE A 19 2.70 4.34 6.77
C PHE A 19 3.73 3.85 5.74
N CYS A 20 3.89 4.59 4.65
CA CYS A 20 4.82 4.36 3.56
C CYS A 20 5.71 5.61 3.38
N SER A 21 6.97 5.51 3.80
CA SER A 21 7.95 6.60 3.70
C SER A 21 8.35 6.91 2.25
N LEU A 22 8.31 5.90 1.37
CA LEU A 22 8.66 6.01 -0.05
C LEU A 22 7.61 6.80 -0.88
N CYS A 23 6.35 6.81 -0.43
CA CYS A 23 5.21 7.44 -1.10
C CYS A 23 4.54 8.56 -0.27
N HIS A 24 4.95 8.75 0.99
CA HIS A 24 4.36 9.69 1.96
C HIS A 24 2.84 9.49 2.08
N ALA A 25 2.44 8.24 2.36
CA ALA A 25 1.05 7.77 2.45
C ALA A 25 0.78 7.04 3.77
N THR A 26 -0.44 7.16 4.30
CA THR A 26 -0.88 6.58 5.59
C THR A 26 -2.13 5.71 5.40
N PHE A 27 -2.27 4.64 6.18
CA PHE A 27 -3.38 3.67 6.09
C PHE A 27 -3.91 3.33 7.48
N ASN A 28 -5.21 3.06 7.60
CA ASN A 28 -5.89 2.77 8.88
C ASN A 28 -6.90 1.60 8.76
N ASP A 29 -6.67 0.70 7.81
CA ASP A 29 -7.51 -0.47 7.48
C ASP A 29 -6.62 -1.58 6.87
N PRO A 30 -6.93 -2.88 7.10
CA PRO A 30 -6.07 -3.99 6.65
C PRO A 30 -5.90 -4.07 5.13
N VAL A 31 -7.01 -3.98 4.41
CA VAL A 31 -7.05 -4.08 2.95
C VAL A 31 -6.45 -2.82 2.33
N MET A 32 -6.73 -1.63 2.87
CA MET A 32 -6.13 -0.36 2.42
C MET A 32 -4.60 -0.41 2.49
N ALA A 33 -4.04 -0.90 3.61
CA ALA A 33 -2.60 -1.07 3.78
C ALA A 33 -2.02 -2.05 2.75
N GLN A 34 -2.59 -3.27 2.67
CA GLN A 34 -2.12 -4.30 1.76
C GLN A 34 -2.21 -3.89 0.27
N GLN A 35 -3.30 -3.23 -0.13
CA GLN A 35 -3.53 -2.77 -1.50
C GLN A 35 -2.49 -1.73 -1.95
N HIS A 36 -2.03 -0.86 -1.04
CA HIS A 36 -0.99 0.12 -1.38
C HIS A 36 0.33 -0.56 -1.75
N TYR A 37 0.88 -1.39 -0.85
CA TYR A 37 2.17 -2.08 -1.04
C TYR A 37 2.25 -3.03 -2.25
N VAL A 38 1.12 -3.46 -2.82
CA VAL A 38 1.04 -4.37 -3.98
C VAL A 38 0.55 -3.68 -5.27
N GLY A 39 0.06 -2.44 -5.18
CA GLY A 39 -0.45 -1.67 -6.32
C GLY A 39 0.66 -1.05 -7.18
N LYS A 40 0.39 -0.87 -8.48
CA LYS A 40 1.34 -0.30 -9.46
C LYS A 40 1.90 1.05 -9.04
N LYS A 41 1.08 1.93 -8.44
CA LYS A 41 1.48 3.27 -7.97
C LYS A 41 2.64 3.21 -6.97
N HIS A 42 2.64 2.27 -6.02
CA HIS A 42 3.75 2.11 -5.05
C HIS A 42 5.05 1.73 -5.76
N ARG A 43 5.00 0.72 -6.65
CA ARG A 43 6.18 0.27 -7.42
C ARG A 43 6.72 1.38 -8.33
N LYS A 44 5.83 2.16 -8.96
CA LYS A 44 6.18 3.33 -9.79
C LYS A 44 6.85 4.42 -8.96
N GLN A 45 6.24 4.84 -7.85
CA GLN A 45 6.81 5.86 -6.96
C GLN A 45 8.13 5.42 -6.32
N GLU A 46 8.27 4.14 -5.94
CA GLU A 46 9.51 3.56 -5.43
C GLU A 46 10.63 3.69 -6.49
N THR A 47 10.32 3.38 -7.75
CA THR A 47 11.26 3.52 -8.88
C THR A 47 11.63 4.99 -9.09
N LYS A 48 10.65 5.91 -9.08
CA LYS A 48 10.89 7.36 -9.20
C LYS A 48 11.76 7.91 -8.06
N LEU A 49 11.53 7.49 -6.82
CA LEU A 49 12.34 7.89 -5.66
C LEU A 49 13.77 7.33 -5.77
N LYS A 50 13.94 6.08 -6.22
CA LYS A 50 15.27 5.47 -6.45
C LYS A 50 16.05 6.26 -7.50
N LEU A 51 15.39 6.64 -8.60
CA LEU A 51 15.95 7.48 -9.66
C LEU A 51 16.32 8.87 -9.11
N MET A 52 15.43 9.50 -8.34
CA MET A 52 15.66 10.80 -7.70
C MET A 52 16.89 10.77 -6.79
N ALA A 53 17.09 9.69 -6.02
CA ALA A 53 18.26 9.50 -5.16
C ALA A 53 19.54 9.26 -5.99
N ARG A 54 19.48 8.39 -7.01
CA ARG A 54 20.58 8.05 -7.94
C ARG A 54 21.20 9.27 -8.62
N TYR A 55 20.39 10.28 -8.94
CA TYR A 55 20.80 11.53 -9.59
C TYR A 55 20.69 12.76 -8.68
N GLY A 56 20.49 12.56 -7.36
CA GLY A 56 20.39 13.63 -6.35
C GLY A 56 21.75 14.22 -5.93
N ARG A 57 22.85 13.58 -6.35
CA ARG A 57 24.26 13.95 -6.12
C ARG A 57 25.12 13.53 -7.30
N LEU A 58 26.32 14.11 -7.43
CA LEU A 58 27.26 13.81 -8.53
C LEU A 58 28.74 14.00 -8.11
N ALA A 59 29.04 15.10 -7.39
CA ALA A 59 30.39 15.46 -6.94
C ALA A 59 30.44 15.94 -5.46
N ASP A 60 29.46 15.55 -4.65
CA ASP A 60 29.32 15.91 -3.23
C ASP A 60 28.76 14.75 -2.40
ZN ZN B . 4.25 3.25 -1.08
N SER A 1 -24.32 -16.97 -7.28
CA SER A 1 -24.05 -16.54 -5.91
C SER A 1 -23.35 -15.19 -5.78
N THR A 2 -22.90 -14.62 -6.91
CA THR A 2 -22.20 -13.30 -7.02
C THR A 2 -20.92 -13.20 -6.15
N LYS A 3 -20.29 -14.33 -5.82
CA LYS A 3 -19.04 -14.44 -5.02
C LYS A 3 -17.80 -14.08 -5.87
N VAL A 4 -17.77 -12.84 -6.38
CA VAL A 4 -16.72 -12.29 -7.27
C VAL A 4 -16.03 -11.02 -6.74
N GLU A 5 -16.37 -10.58 -5.51
CA GLU A 5 -15.76 -9.39 -4.87
C GLU A 5 -15.49 -9.62 -3.37
N ALA A 6 -16.51 -9.98 -2.58
CA ALA A 6 -16.44 -10.22 -1.13
C ALA A 6 -15.79 -9.07 -0.29
N LEU A 7 -15.89 -7.81 -0.77
CA LEU A 7 -15.34 -6.61 -0.14
C LEU A 7 -16.25 -5.99 0.95
N HIS A 8 -17.10 -6.80 1.59
CA HIS A 8 -18.03 -6.38 2.65
C HIS A 8 -18.16 -7.43 3.76
N GLN A 9 -18.54 -6.99 4.97
CA GLN A 9 -18.73 -7.80 6.19
C GLN A 9 -17.53 -8.72 6.52
N ASN A 10 -16.30 -8.22 6.30
CA ASN A 10 -15.03 -8.92 6.53
C ASN A 10 -14.65 -8.99 8.03
N ARG A 11 -15.55 -9.53 8.86
CA ARG A 11 -15.45 -9.67 10.33
C ARG A 11 -15.34 -8.31 11.06
N GLU A 12 -15.10 -8.35 12.37
CA GLU A 12 -14.98 -7.18 13.26
C GLU A 12 -13.49 -6.81 13.50
N MET A 13 -12.66 -6.94 12.46
CA MET A 13 -11.21 -6.67 12.47
C MET A 13 -10.88 -5.25 12.94
N ILE A 14 -9.79 -5.12 13.73
CA ILE A 14 -9.27 -3.86 14.27
C ILE A 14 -8.86 -2.87 13.16
N ASP A 15 -8.91 -1.58 13.47
CA ASP A 15 -8.64 -0.45 12.56
C ASP A 15 -7.55 0.52 13.08
N PRO A 16 -6.28 0.07 13.15
CA PRO A 16 -5.15 0.88 13.64
C PRO A 16 -4.70 1.90 12.59
N ASP A 17 -3.97 2.93 13.04
CA ASP A 17 -3.35 3.93 12.17
C ASP A 17 -2.03 3.38 11.58
N LYS A 18 -1.81 3.58 10.27
CA LYS A 18 -0.62 3.09 9.54
C LYS A 18 -0.12 4.15 8.54
N PHE A 19 1.12 3.99 8.08
CA PHE A 19 1.79 4.91 7.15
C PHE A 19 2.77 4.17 6.23
N CYS A 20 2.81 4.60 4.96
CA CYS A 20 3.70 4.10 3.91
C CYS A 20 4.75 5.18 3.60
N SER A 21 5.96 4.99 4.13
CA SER A 21 7.06 5.96 3.99
C SER A 21 7.61 6.10 2.56
N LEU A 22 7.39 5.09 1.70
CA LEU A 22 7.85 5.11 0.31
C LEU A 22 6.88 5.87 -0.62
N CYS A 23 5.60 5.99 -0.23
CA CYS A 23 4.52 6.62 -0.98
C CYS A 23 3.95 7.90 -0.31
N HIS A 24 4.36 8.20 0.92
CA HIS A 24 3.88 9.32 1.76
C HIS A 24 2.33 9.30 1.87
N ALA A 25 1.79 8.15 2.30
CA ALA A 25 0.36 7.88 2.43
C ALA A 25 0.03 7.33 3.83
N THR A 26 -1.14 7.71 4.38
CA THR A 26 -1.60 7.34 5.74
C THR A 26 -2.94 6.59 5.66
N PHE A 27 -3.16 5.63 6.57
CA PHE A 27 -4.36 4.78 6.61
C PHE A 27 -4.91 4.68 8.03
N ASN A 28 -6.23 4.42 8.16
CA ASN A 28 -6.93 4.32 9.45
C ASN A 28 -7.99 3.20 9.47
N ASP A 29 -7.91 2.24 8.54
CA ASP A 29 -8.80 1.08 8.42
C ASP A 29 -8.02 -0.13 7.87
N PRO A 30 -8.42 -1.38 8.19
CA PRO A 30 -7.70 -2.58 7.77
C PRO A 30 -7.67 -2.75 6.25
N VAL A 31 -8.83 -2.58 5.62
CA VAL A 31 -9.01 -2.73 4.16
C VAL A 31 -8.36 -1.55 3.42
N MET A 32 -8.41 -0.34 3.98
CA MET A 32 -7.75 0.84 3.40
C MET A 32 -6.23 0.62 3.31
N ALA A 33 -5.62 0.10 4.39
CA ALA A 33 -4.20 -0.23 4.43
C ALA A 33 -3.87 -1.32 3.40
N GLN A 34 -4.61 -2.44 3.42
CA GLN A 34 -4.38 -3.56 2.51
C GLN A 34 -4.54 -3.18 1.03
N GLN A 35 -5.55 -2.36 0.69
CA GLN A 35 -5.80 -1.89 -0.68
C GLN A 35 -4.64 -1.06 -1.23
N HIS A 36 -3.98 -0.26 -0.38
CA HIS A 36 -2.80 0.50 -0.80
C HIS A 36 -1.64 -0.45 -1.15
N TYR A 37 -1.24 -1.31 -0.23
CA TYR A 37 -0.12 -2.26 -0.40
C TYR A 37 -0.25 -3.25 -1.58
N VAL A 38 -1.48 -3.49 -2.08
CA VAL A 38 -1.75 -4.39 -3.21
C VAL A 38 -2.11 -3.66 -4.51
N GLY A 39 -2.28 -2.33 -4.47
CA GLY A 39 -2.63 -1.51 -5.63
C GLY A 39 -1.42 -1.15 -6.50
N LYS A 40 -1.66 -1.00 -7.82
CA LYS A 40 -0.62 -0.68 -8.82
C LYS A 40 0.21 0.58 -8.49
N LYS A 41 -0.41 1.59 -7.88
CA LYS A 41 0.25 2.86 -7.48
C LYS A 41 1.38 2.63 -6.48
N HIS A 42 1.17 1.78 -5.46
CA HIS A 42 2.20 1.43 -4.47
C HIS A 42 3.39 0.73 -5.13
N ARG A 43 3.14 -0.28 -5.99
CA ARG A 43 4.19 -1.00 -6.71
C ARG A 43 4.98 -0.06 -7.65
N LYS A 44 4.29 0.84 -8.36
CA LYS A 44 4.90 1.85 -9.23
C LYS A 44 5.78 2.83 -8.46
N GLN A 45 5.28 3.42 -7.37
CA GLN A 45 6.05 4.36 -6.53
C GLN A 45 7.23 3.67 -5.83
N GLU A 46 7.06 2.43 -5.34
CA GLU A 46 8.15 1.64 -4.75
C GLU A 46 9.25 1.40 -5.78
N THR A 47 8.88 1.02 -7.02
CA THR A 47 9.83 0.84 -8.13
C THR A 47 10.53 2.15 -8.48
N LYS A 48 9.79 3.28 -8.53
CA LYS A 48 10.35 4.61 -8.80
C LYS A 48 11.38 5.02 -7.75
N LEU A 49 11.08 4.81 -6.46
CA LEU A 49 11.98 5.10 -5.34
C LEU A 49 13.24 4.21 -5.41
N LYS A 50 13.08 2.90 -5.66
CA LYS A 50 14.20 1.96 -5.82
C LYS A 50 15.10 2.37 -6.98
N LEU A 51 14.53 2.75 -8.12
CA LEU A 51 15.27 3.26 -9.29
C LEU A 51 16.02 4.56 -8.94
N MET A 52 15.35 5.51 -8.27
CA MET A 52 15.95 6.78 -7.84
C MET A 52 17.16 6.57 -6.91
N ALA A 53 17.13 5.55 -6.04
CA ALA A 53 18.24 5.20 -5.16
C ALA A 53 19.37 4.48 -5.93
N ARG A 54 19.03 3.45 -6.73
CA ARG A 54 19.95 2.62 -7.53
C ARG A 54 20.70 3.41 -8.62
N TYR A 55 20.07 4.41 -9.20
CA TYR A 55 20.58 5.25 -10.30
C TYR A 55 20.79 6.73 -9.89
N GLY A 56 20.77 7.01 -8.57
CA GLY A 56 20.92 8.37 -8.01
C GLY A 56 22.33 8.96 -8.10
N ARG A 57 22.41 10.28 -7.90
CA ARG A 57 23.67 11.07 -7.90
C ARG A 57 24.59 10.75 -6.72
N LEU A 58 25.87 11.07 -6.88
CA LEU A 58 26.93 10.89 -5.87
C LEU A 58 28.03 11.96 -6.11
N ALA A 59 28.33 12.76 -5.09
CA ALA A 59 29.33 13.84 -5.14
C ALA A 59 30.00 14.07 -3.78
N ASP A 60 31.09 14.84 -3.77
CA ASP A 60 31.88 15.20 -2.57
C ASP A 60 32.52 16.60 -2.70
ZN ZN B . 2.89 2.64 -0.60
N SER A 1 -23.84 -3.32 -12.89
CA SER A 1 -24.91 -3.54 -11.90
C SER A 1 -24.59 -2.98 -10.51
N THR A 2 -25.63 -2.76 -9.70
CA THR A 2 -25.55 -2.22 -8.32
C THR A 2 -24.68 -3.12 -7.42
N LYS A 3 -23.84 -2.52 -6.57
CA LYS A 3 -22.96 -3.22 -5.62
C LYS A 3 -23.76 -3.93 -4.52
N VAL A 4 -23.42 -5.18 -4.23
CA VAL A 4 -24.04 -6.04 -3.18
C VAL A 4 -22.93 -6.81 -2.46
N GLU A 5 -22.14 -6.10 -1.66
CA GLU A 5 -20.98 -6.63 -0.91
C GLU A 5 -20.76 -5.88 0.41
N ALA A 6 -20.27 -6.57 1.45
CA ALA A 6 -19.99 -6.05 2.79
C ALA A 6 -21.15 -5.30 3.47
N LEU A 7 -22.40 -5.63 3.12
CA LEU A 7 -23.63 -5.02 3.66
C LEU A 7 -23.98 -5.44 5.11
N HIS A 8 -23.23 -6.38 5.70
CA HIS A 8 -23.43 -6.91 7.06
C HIS A 8 -22.08 -7.26 7.73
N GLN A 9 -22.10 -7.48 9.05
CA GLN A 9 -20.93 -7.83 9.87
C GLN A 9 -21.28 -8.94 10.88
N ASN A 10 -20.39 -9.93 11.03
CA ASN A 10 -20.54 -11.06 11.96
C ASN A 10 -19.19 -11.72 12.33
N ARG A 11 -18.21 -11.71 11.42
CA ARG A 11 -16.83 -12.25 11.60
C ARG A 11 -15.80 -11.28 11.00
N GLU A 12 -14.59 -11.32 11.54
CA GLU A 12 -13.44 -10.49 11.15
C GLU A 12 -12.08 -11.14 11.52
N MET A 13 -10.98 -10.43 11.25
CA MET A 13 -9.60 -10.83 11.54
C MET A 13 -8.82 -9.65 12.18
N ILE A 14 -7.65 -9.92 12.76
CA ILE A 14 -6.78 -8.89 13.38
C ILE A 14 -6.46 -7.78 12.35
N ASP A 15 -6.67 -6.53 12.74
CA ASP A 15 -6.59 -5.35 11.86
C ASP A 15 -5.69 -4.21 12.41
N PRO A 16 -4.36 -4.43 12.48
CA PRO A 16 -3.43 -3.41 12.95
C PRO A 16 -3.27 -2.30 11.89
N ASP A 17 -2.95 -1.08 12.35
CA ASP A 17 -2.67 0.05 11.45
C ASP A 17 -1.27 -0.10 10.82
N LYS A 18 -1.14 0.21 9.52
CA LYS A 18 0.12 0.09 8.75
C LYS A 18 0.34 1.30 7.85
N PHE A 19 1.57 1.49 7.39
CA PHE A 19 1.98 2.61 6.55
C PHE A 19 3.09 2.21 5.55
N CYS A 20 3.18 2.92 4.43
CA CYS A 20 4.18 2.74 3.37
C CYS A 20 4.86 4.10 3.09
N SER A 21 6.07 4.28 3.64
CA SER A 21 6.85 5.51 3.51
C SER A 21 7.27 5.81 2.06
N LEU A 22 7.47 4.77 1.25
CA LEU A 22 7.86 4.87 -0.16
C LEU A 22 6.71 5.34 -1.07
N CYS A 23 5.46 5.23 -0.61
CA CYS A 23 4.22 5.55 -1.36
C CYS A 23 3.33 6.61 -0.69
N HIS A 24 3.63 6.99 0.55
CA HIS A 24 2.85 7.93 1.39
C HIS A 24 1.37 7.47 1.50
N ALA A 25 1.19 6.19 1.86
CA ALA A 25 -0.10 5.50 1.98
C ALA A 25 -0.26 4.82 3.35
N THR A 26 -1.49 4.78 3.87
CA THR A 26 -1.85 4.22 5.19
C THR A 26 -2.94 3.15 5.05
N PHE A 27 -2.92 2.12 5.92
CA PHE A 27 -3.85 0.98 5.87
C PHE A 27 -4.38 0.66 7.28
N ASN A 28 -5.60 0.13 7.36
CA ASN A 28 -6.28 -0.17 8.64
C ASN A 28 -6.91 -1.58 8.67
N ASP A 29 -6.50 -2.48 7.78
CA ASP A 29 -6.98 -3.86 7.65
C ASP A 29 -5.83 -4.80 7.18
N PRO A 30 -5.89 -6.11 7.49
CA PRO A 30 -4.81 -7.05 7.15
C PRO A 30 -4.61 -7.21 5.65
N VAL A 31 -5.71 -7.48 4.94
CA VAL A 31 -5.71 -7.70 3.49
C VAL A 31 -5.39 -6.40 2.74
N MET A 32 -5.86 -5.25 3.22
CA MET A 32 -5.56 -3.93 2.64
C MET A 32 -4.05 -3.66 2.68
N ALA A 33 -3.41 -3.90 3.84
CA ALA A 33 -1.95 -3.78 4.01
C ALA A 33 -1.20 -4.73 3.07
N GLN A 34 -1.55 -6.03 3.13
CA GLN A 34 -0.90 -7.07 2.32
C GLN A 34 -1.02 -6.82 0.81
N GLN A 35 -2.21 -6.40 0.34
CA GLN A 35 -2.47 -6.09 -1.07
C GLN A 35 -1.63 -4.90 -1.56
N HIS A 36 -1.46 -3.86 -0.73
CA HIS A 36 -0.64 -2.71 -1.12
C HIS A 36 0.81 -3.14 -1.40
N TYR A 37 1.46 -3.83 -0.45
CA TYR A 37 2.86 -4.28 -0.55
C TYR A 37 3.20 -5.25 -1.70
N VAL A 38 2.25 -5.63 -2.56
CA VAL A 38 2.45 -6.52 -3.71
C VAL A 38 1.76 -6.03 -5.01
N GLY A 39 0.98 -4.96 -4.95
CA GLY A 39 0.25 -4.40 -6.11
C GLY A 39 1.12 -3.58 -7.08
N LYS A 40 0.66 -3.45 -8.34
CA LYS A 40 1.35 -2.69 -9.40
C LYS A 40 1.58 -1.22 -9.03
N LYS A 41 0.63 -0.58 -8.35
CA LYS A 41 0.76 0.83 -7.90
C LYS A 41 1.94 1.02 -6.93
N HIS A 42 2.18 0.07 -6.02
CA HIS A 42 3.31 0.08 -5.09
C HIS A 42 4.63 -0.09 -5.85
N ARG A 43 4.69 -1.01 -6.83
CA ARG A 43 5.85 -1.19 -7.71
C ARG A 43 6.20 0.11 -8.44
N LYS A 44 5.22 0.77 -9.06
CA LYS A 44 5.41 2.06 -9.77
C LYS A 44 5.88 3.17 -8.83
N GLN A 45 5.20 3.39 -7.71
CA GLN A 45 5.58 4.43 -6.73
C GLN A 45 6.97 4.18 -6.12
N GLU A 46 7.31 2.92 -5.81
CA GLU A 46 8.64 2.52 -5.34
C GLU A 46 9.71 2.92 -6.36
N THR A 47 9.51 2.61 -7.65
CA THR A 47 10.41 3.02 -8.74
C THR A 47 10.52 4.54 -8.83
N LYS A 48 9.40 5.29 -8.78
CA LYS A 48 9.41 6.76 -8.84
C LYS A 48 10.23 7.39 -7.71
N LEU A 49 10.02 6.97 -6.45
CA LEU A 49 10.77 7.49 -5.31
C LEU A 49 12.24 7.06 -5.35
N LYS A 50 12.54 5.81 -5.75
CA LYS A 50 13.90 5.30 -5.92
C LYS A 50 14.67 6.12 -6.96
N LEU A 51 14.05 6.42 -8.11
CA LEU A 51 14.63 7.27 -9.15
C LEU A 51 14.84 8.70 -8.63
N MET A 52 13.86 9.27 -7.92
CA MET A 52 13.98 10.62 -7.33
C MET A 52 15.21 10.73 -6.40
N ALA A 53 15.46 9.70 -5.58
CA ALA A 53 16.64 9.63 -4.71
C ALA A 53 17.94 9.43 -5.52
N ARG A 54 17.94 8.53 -6.52
CA ARG A 54 19.08 8.23 -7.41
C ARG A 54 19.57 9.47 -8.18
N TYR A 55 18.64 10.31 -8.65
CA TYR A 55 18.91 11.57 -9.36
C TYR A 55 19.20 12.76 -8.42
N GLY A 56 19.38 12.52 -7.11
CA GLY A 56 19.70 13.54 -6.09
C GLY A 56 21.10 14.17 -6.23
N ARG A 57 21.42 15.10 -5.33
CA ARG A 57 22.69 15.86 -5.25
C ARG A 57 23.92 14.95 -5.28
N LEU A 58 24.72 15.04 -6.34
CA LEU A 58 25.95 14.25 -6.53
C LEU A 58 27.05 14.60 -5.51
N ALA A 59 27.18 15.89 -5.20
CA ALA A 59 28.15 16.44 -4.24
C ALA A 59 27.71 17.81 -3.65
N ASP A 60 27.00 18.62 -4.44
CA ASP A 60 26.49 19.95 -4.07
C ASP A 60 25.20 20.30 -4.83
ZN ZN B . 3.83 1.19 -1.09
N SER A 1 -19.24 -22.94 -3.83
CA SER A 1 -19.05 -22.98 -2.37
C SER A 1 -19.31 -21.63 -1.67
N THR A 2 -19.55 -20.56 -2.45
CA THR A 2 -19.79 -19.18 -1.97
C THR A 2 -20.88 -18.44 -2.76
N LYS A 3 -21.59 -19.14 -3.67
CA LYS A 3 -22.68 -18.63 -4.53
C LYS A 3 -23.98 -18.38 -3.74
N VAL A 4 -23.96 -17.46 -2.78
CA VAL A 4 -25.10 -17.11 -1.90
C VAL A 4 -25.26 -15.59 -1.80
N GLU A 5 -24.35 -14.89 -1.11
CA GLU A 5 -24.34 -13.43 -0.89
C GLU A 5 -25.71 -12.80 -0.54
N ALA A 6 -26.57 -13.56 0.16
CA ALA A 6 -27.93 -13.15 0.54
C ALA A 6 -28.02 -12.01 1.57
N LEU A 7 -26.92 -11.74 2.29
CA LEU A 7 -26.79 -10.69 3.31
C LEU A 7 -25.39 -10.03 3.21
N HIS A 8 -25.29 -8.75 3.58
CA HIS A 8 -24.02 -8.01 3.59
C HIS A 8 -23.22 -8.32 4.87
N GLN A 9 -21.88 -8.28 4.78
CA GLN A 9 -20.97 -8.54 5.90
C GLN A 9 -21.03 -7.41 6.96
N ASN A 10 -20.77 -7.78 8.23
CA ASN A 10 -20.78 -6.88 9.39
C ASN A 10 -19.70 -7.27 10.42
N ARG A 11 -18.48 -7.53 9.92
CA ARG A 11 -17.30 -7.97 10.70
C ARG A 11 -16.05 -7.18 10.31
N GLU A 12 -15.02 -7.23 11.15
CA GLU A 12 -13.74 -6.53 10.96
C GLU A 12 -12.54 -7.27 11.62
N MET A 13 -11.34 -6.73 11.41
CA MET A 13 -10.05 -7.23 11.94
C MET A 13 -9.19 -6.05 12.45
N ILE A 14 -8.00 -6.34 13.01
CA ILE A 14 -7.06 -5.33 13.54
C ILE A 14 -6.75 -4.22 12.51
N ASP A 15 -6.72 -2.98 12.98
CA ASP A 15 -6.56 -1.76 12.17
C ASP A 15 -5.42 -0.84 12.68
N PRO A 16 -4.15 -1.25 12.49
CA PRO A 16 -3.00 -0.46 12.93
C PRO A 16 -2.77 0.77 12.04
N ASP A 17 -2.14 1.81 12.60
CA ASP A 17 -1.74 3.01 11.85
C ASP A 17 -0.40 2.73 11.14
N LYS A 18 -0.28 3.10 9.86
CA LYS A 18 0.91 2.87 9.04
C LYS A 18 1.22 4.07 8.15
N PHE A 19 2.46 4.15 7.66
CA PHE A 19 2.95 5.23 6.81
C PHE A 19 3.99 4.70 5.80
N CYS A 20 3.70 4.89 4.50
CA CYS A 20 4.58 4.53 3.39
C CYS A 20 5.56 5.70 3.16
N SER A 21 6.70 5.68 3.87
CA SER A 21 7.71 6.75 3.81
C SER A 21 8.31 6.99 2.42
N LEU A 22 8.20 6.01 1.51
CA LEU A 22 8.71 6.08 0.13
C LEU A 22 7.70 6.76 -0.83
N CYS A 23 6.41 6.83 -0.45
CA CYS A 23 5.29 7.37 -1.22
C CYS A 23 4.62 8.59 -0.57
N HIS A 24 4.91 8.86 0.71
CA HIS A 24 4.30 9.91 1.55
C HIS A 24 2.76 9.73 1.66
N ALA A 25 2.34 8.56 2.12
CA ALA A 25 0.93 8.17 2.30
C ALA A 25 0.72 7.50 3.67
N THR A 26 -0.43 7.75 4.32
CA THR A 26 -0.77 7.25 5.67
C THR A 26 -2.04 6.39 5.63
N PHE A 27 -2.11 5.34 6.46
CA PHE A 27 -3.24 4.41 6.52
C PHE A 27 -3.65 4.12 7.97
N ASN A 28 -4.92 3.76 8.19
CA ASN A 28 -5.52 3.47 9.49
C ASN A 28 -6.49 2.27 9.46
N ASP A 29 -6.40 1.42 8.44
CA ASP A 29 -7.22 0.21 8.24
C ASP A 29 -6.40 -0.87 7.51
N PRO A 30 -6.70 -2.18 7.71
CA PRO A 30 -5.92 -3.26 7.10
C PRO A 30 -5.99 -3.26 5.58
N VAL A 31 -7.20 -3.13 5.03
CA VAL A 31 -7.47 -3.15 3.60
C VAL A 31 -6.94 -1.87 2.94
N MET A 32 -7.04 -0.71 3.60
CA MET A 32 -6.48 0.55 3.08
C MET A 32 -4.96 0.44 2.89
N ALA A 33 -4.26 -0.09 3.90
CA ALA A 33 -2.82 -0.34 3.84
C ALA A 33 -2.48 -1.31 2.70
N GLN A 34 -3.14 -2.49 2.69
CA GLN A 34 -2.92 -3.52 1.70
C GLN A 34 -3.15 -3.04 0.25
N GLN A 35 -4.22 -2.27 0.02
CA GLN A 35 -4.57 -1.71 -1.30
C GLN A 35 -3.49 -0.75 -1.82
N HIS A 36 -2.88 0.06 -0.94
CA HIS A 36 -1.79 0.95 -1.35
C HIS A 36 -0.59 0.14 -1.86
N TYR A 37 -0.14 -0.86 -1.08
CA TYR A 37 1.01 -1.72 -1.40
C TYR A 37 0.90 -2.53 -2.71
N VAL A 38 -0.28 -2.57 -3.35
CA VAL A 38 -0.54 -3.26 -4.63
C VAL A 38 -1.09 -2.31 -5.71
N GLY A 39 -1.21 -1.01 -5.43
CA GLY A 39 -1.70 0.00 -6.36
C GLY A 39 -0.60 0.53 -7.30
N LYS A 40 -0.97 0.92 -8.52
CA LYS A 40 -0.03 1.42 -9.55
C LYS A 40 0.88 2.56 -9.05
N LYS A 41 0.35 3.47 -8.24
CA LYS A 41 1.09 4.59 -7.64
C LYS A 41 2.26 4.14 -6.75
N HIS A 42 2.11 3.06 -5.98
CA HIS A 42 3.18 2.52 -5.13
C HIS A 42 4.35 2.01 -5.96
N ARG A 43 4.07 1.24 -7.02
CA ARG A 43 5.11 0.75 -7.95
C ARG A 43 5.78 1.90 -8.70
N LYS A 44 5.01 2.90 -9.14
CA LYS A 44 5.51 4.11 -9.82
C LYS A 44 6.46 4.91 -8.92
N GLN A 45 6.05 5.23 -7.69
CA GLN A 45 6.86 5.97 -6.72
C GLN A 45 8.10 5.17 -6.28
N GLU A 46 8.00 3.86 -6.05
CA GLU A 46 9.14 3.00 -5.74
C GLU A 46 10.19 3.06 -6.86
N THR A 47 9.74 2.93 -8.12
CA THR A 47 10.61 3.03 -9.31
C THR A 47 11.24 4.42 -9.42
N LYS A 48 10.47 5.49 -9.22
CA LYS A 48 10.95 6.88 -9.28
C LYS A 48 12.02 7.16 -8.22
N LEU A 49 11.77 6.77 -6.97
CA LEU A 49 12.70 6.94 -5.85
C LEU A 49 13.98 6.11 -6.05
N LYS A 50 13.86 4.84 -6.47
CA LYS A 50 15.00 3.96 -6.76
C LYS A 50 15.89 4.53 -7.86
N LEU A 51 15.29 5.02 -8.95
CA LEU A 51 16.00 5.68 -10.05
C LEU A 51 16.72 6.95 -9.55
N MET A 52 16.03 7.82 -8.81
CA MET A 52 16.61 9.04 -8.24
C MET A 52 17.81 8.72 -7.33
N ALA A 53 17.69 7.71 -6.46
CA ALA A 53 18.76 7.26 -5.57
C ALA A 53 19.97 6.74 -6.35
N ARG A 54 19.76 6.03 -7.48
CA ARG A 54 20.82 5.51 -8.36
C ARG A 54 21.60 6.64 -9.04
N TYR A 55 20.89 7.65 -9.56
CA TYR A 55 21.49 8.82 -10.24
C TYR A 55 22.14 9.84 -9.29
N GLY A 56 21.72 9.91 -8.02
CA GLY A 56 22.26 10.84 -7.02
C GLY A 56 23.66 10.50 -6.51
N ARG A 57 24.35 11.49 -5.92
CA ARG A 57 25.72 11.35 -5.38
C ARG A 57 25.72 10.60 -4.03
N LEU A 58 26.71 9.72 -3.86
CA LEU A 58 26.94 8.89 -2.66
C LEU A 58 28.43 8.83 -2.27
N ALA A 59 29.26 9.77 -2.75
CA ALA A 59 30.71 9.85 -2.51
C ALA A 59 31.12 10.10 -1.04
N ASP A 60 30.19 10.55 -0.18
CA ASP A 60 30.41 10.83 1.25
C ASP A 60 29.17 10.48 2.08
ZN ZN B . 3.79 3.22 -1.13
N SER A 1 -17.85 -4.90 14.27
CA SER A 1 -17.12 -5.65 15.31
C SER A 1 -17.26 -7.17 15.20
N THR A 2 -18.10 -7.65 14.27
CA THR A 2 -18.41 -9.07 14.01
C THR A 2 -18.06 -9.53 12.58
N LYS A 3 -17.47 -8.64 11.76
CA LYS A 3 -17.09 -8.90 10.37
C LYS A 3 -15.97 -9.95 10.21
N VAL A 4 -15.19 -10.20 11.25
CA VAL A 4 -14.07 -11.18 11.29
C VAL A 4 -14.52 -12.59 11.73
N GLU A 5 -15.62 -13.08 11.15
CA GLU A 5 -16.23 -14.39 11.46
C GLU A 5 -16.49 -15.22 10.18
N ALA A 6 -15.47 -15.31 9.32
CA ALA A 6 -15.52 -16.08 8.08
C ALA A 6 -15.69 -17.60 8.32
N LEU A 7 -16.55 -18.26 7.53
CA LEU A 7 -16.82 -19.70 7.63
C LEU A 7 -17.40 -20.27 6.31
N HIS A 8 -18.36 -19.56 5.69
CA HIS A 8 -19.03 -19.95 4.44
C HIS A 8 -18.09 -20.05 3.22
N GLN A 9 -18.50 -20.81 2.21
CA GLN A 9 -17.78 -21.04 0.95
C GLN A 9 -17.55 -19.76 0.10
N ASN A 10 -18.38 -18.73 0.30
CA ASN A 10 -18.30 -17.41 -0.36
C ASN A 10 -18.70 -16.32 0.65
N ARG A 11 -18.03 -15.17 0.62
CA ARG A 11 -18.23 -14.05 1.57
C ARG A 11 -17.76 -12.71 0.99
N GLU A 12 -18.00 -11.61 1.72
CA GLU A 12 -17.61 -10.24 1.35
C GLU A 12 -16.07 -10.06 1.16
N MET A 13 -15.69 -8.99 0.46
CA MET A 13 -14.28 -8.65 0.17
C MET A 13 -13.44 -8.46 1.44
N ILE A 14 -12.23 -9.05 1.45
CA ILE A 14 -11.28 -8.94 2.56
C ILE A 14 -10.70 -7.52 2.69
N ASP A 15 -10.32 -7.13 3.91
CA ASP A 15 -9.81 -5.82 4.29
C ASP A 15 -8.53 -5.93 5.18
N PRO A 16 -7.40 -6.35 4.60
CA PRO A 16 -6.15 -6.56 5.34
C PRO A 16 -5.41 -5.26 5.68
N ASP A 17 -4.54 -5.32 6.69
CA ASP A 17 -3.64 -4.21 7.06
C ASP A 17 -2.42 -4.22 6.11
N LYS A 18 -2.07 -3.05 5.55
CA LYS A 18 -0.94 -2.88 4.63
C LYS A 18 -0.20 -1.58 4.92
N PHE A 19 1.06 -1.51 4.47
CA PHE A 19 1.95 -0.36 4.64
C PHE A 19 2.88 -0.19 3.44
N CYS A 20 3.00 1.05 2.93
CA CYS A 20 3.86 1.44 1.83
C CYS A 20 5.13 2.09 2.40
N SER A 21 6.21 1.32 2.51
CA SER A 21 7.49 1.76 3.07
C SER A 21 8.20 2.85 2.25
N LEU A 22 7.85 2.99 0.96
CA LEU A 22 8.43 4.00 0.05
C LEU A 22 7.73 5.37 0.17
N CYS A 23 6.49 5.40 0.71
CA CYS A 23 5.62 6.57 0.84
C CYS A 23 5.24 6.92 2.29
N HIS A 24 5.53 6.04 3.26
CA HIS A 24 5.16 6.16 4.68
C HIS A 24 3.64 6.35 4.86
N ALA A 25 2.87 5.41 4.31
CA ALA A 25 1.41 5.38 4.32
C ALA A 25 0.87 4.00 4.73
N THR A 26 -0.26 3.95 5.45
CA THR A 26 -0.88 2.73 5.99
C THR A 26 -2.34 2.59 5.51
N PHE A 27 -2.80 1.36 5.26
CA PHE A 27 -4.15 1.07 4.75
C PHE A 27 -4.79 -0.11 5.50
N ASN A 28 -6.13 -0.11 5.59
CA ASN A 28 -6.94 -1.12 6.28
C ASN A 28 -8.22 -1.50 5.51
N ASP A 29 -8.26 -1.22 4.21
CA ASP A 29 -9.39 -1.52 3.30
C ASP A 29 -8.85 -1.83 1.89
N PRO A 30 -9.54 -2.67 1.09
CA PRO A 30 -9.07 -3.08 -0.23
C PRO A 30 -8.93 -1.91 -1.20
N VAL A 31 -9.97 -1.07 -1.27
CA VAL A 31 -10.04 0.08 -2.16
C VAL A 31 -9.08 1.19 -1.70
N MET A 32 -8.92 1.40 -0.38
CA MET A 32 -7.96 2.38 0.15
C MET A 32 -6.52 2.01 -0.26
N ALA A 33 -6.15 0.74 -0.12
CA ALA A 33 -4.85 0.23 -0.56
C ALA A 33 -4.66 0.43 -2.07
N GLN A 34 -5.62 -0.04 -2.88
CA GLN A 34 -5.56 0.06 -4.33
C GLN A 34 -5.44 1.52 -4.82
N GLN A 35 -6.27 2.43 -4.28
CA GLN A 35 -6.28 3.85 -4.63
C GLN A 35 -4.93 4.53 -4.38
N HIS A 36 -4.20 4.11 -3.33
CA HIS A 36 -2.85 4.63 -3.09
C HIS A 36 -1.90 4.18 -4.21
N TYR A 37 -1.77 2.87 -4.44
CA TYR A 37 -0.86 2.30 -5.43
C TYR A 37 -1.07 2.82 -6.87
N VAL A 38 -2.31 3.03 -7.32
CA VAL A 38 -2.60 3.55 -8.68
C VAL A 38 -2.58 5.08 -8.77
N GLY A 39 -2.59 5.79 -7.64
CA GLY A 39 -2.62 7.25 -7.58
C GLY A 39 -1.27 7.92 -7.88
N LYS A 40 -1.32 9.15 -8.42
CA LYS A 40 -0.13 9.96 -8.79
C LYS A 40 0.86 10.15 -7.63
N LYS A 41 0.38 10.25 -6.39
CA LYS A 41 1.22 10.38 -5.19
C LYS A 41 2.21 9.22 -5.06
N HIS A 42 1.73 7.98 -5.19
CA HIS A 42 2.59 6.77 -5.14
C HIS A 42 3.59 6.76 -6.31
N ARG A 43 3.14 7.07 -7.54
CA ARG A 43 4.03 7.14 -8.71
C ARG A 43 5.18 8.13 -8.49
N LYS A 44 4.85 9.37 -8.09
CA LYS A 44 5.83 10.43 -7.80
C LYS A 44 6.79 10.06 -6.67
N GLN A 45 6.29 9.58 -5.54
CA GLN A 45 7.12 9.18 -4.40
C GLN A 45 8.01 7.96 -4.70
N GLU A 46 7.52 6.96 -5.43
CA GLU A 46 8.31 5.80 -5.84
C GLU A 46 9.46 6.25 -6.76
N THR A 47 9.18 7.11 -7.75
CA THR A 47 10.22 7.70 -8.62
C THR A 47 11.21 8.54 -7.81
N LYS A 48 10.75 9.35 -6.84
CA LYS A 48 11.62 10.17 -5.97
C LYS A 48 12.58 9.28 -5.16
N LEU A 49 12.09 8.18 -4.59
CA LEU A 49 12.89 7.21 -3.84
C LEU A 49 13.92 6.54 -4.76
N LYS A 50 13.51 6.08 -5.95
CA LYS A 50 14.41 5.46 -6.95
C LYS A 50 15.51 6.45 -7.40
N LEU A 51 15.15 7.72 -7.65
CA LEU A 51 16.08 8.80 -8.01
C LEU A 51 17.09 9.04 -6.87
N MET A 52 16.62 9.13 -5.62
CA MET A 52 17.47 9.29 -4.44
C MET A 52 18.46 8.12 -4.31
N ALA A 53 18.02 6.88 -4.55
CA ALA A 53 18.86 5.69 -4.53
C ALA A 53 19.94 5.75 -5.63
N ARG A 54 19.57 6.15 -6.87
CA ARG A 54 20.48 6.34 -8.02
C ARG A 54 21.55 7.39 -7.73
N TYR A 55 21.19 8.47 -7.03
CA TYR A 55 22.09 9.56 -6.61
C TYR A 55 22.99 9.17 -5.41
N GLY A 56 22.73 8.02 -4.77
CA GLY A 56 23.47 7.48 -3.63
C GLY A 56 24.39 6.31 -3.99
N ARG A 57 24.75 5.51 -2.98
CA ARG A 57 25.63 4.32 -3.10
C ARG A 57 25.15 3.17 -2.21
N LEU A 58 24.46 2.20 -2.81
CA LEU A 58 23.90 1.02 -2.16
C LEU A 58 23.93 -0.19 -3.12
N ALA A 59 25.06 -0.92 -3.12
CA ALA A 59 25.34 -2.11 -3.95
C ALA A 59 25.06 -1.95 -5.47
N ASP A 60 25.18 -0.72 -6.01
CA ASP A 60 24.95 -0.40 -7.42
C ASP A 60 25.88 -1.19 -8.36
ZN ZN B . 3.17 4.26 -1.96
N SER A 1 -6.95 -15.63 7.18
CA SER A 1 -6.73 -17.02 6.73
C SER A 1 -7.64 -17.45 5.56
N THR A 2 -8.58 -16.59 5.15
CA THR A 2 -9.53 -16.82 4.05
C THR A 2 -10.01 -15.48 3.43
N LYS A 3 -10.84 -15.54 2.39
CA LYS A 3 -11.41 -14.40 1.65
C LYS A 3 -12.83 -14.72 1.16
N VAL A 4 -13.70 -13.70 1.09
CA VAL A 4 -15.08 -13.79 0.61
C VAL A 4 -15.51 -12.48 -0.07
N GLU A 5 -16.29 -12.58 -1.15
CA GLU A 5 -16.81 -11.42 -1.89
C GLU A 5 -18.01 -10.80 -1.14
N ALA A 6 -17.90 -9.53 -0.75
CA ALA A 6 -18.93 -8.78 -0.02
C ALA A 6 -18.89 -7.27 -0.32
N LEU A 7 -19.94 -6.55 0.10
CA LEU A 7 -20.12 -5.10 -0.08
C LEU A 7 -20.78 -4.40 1.13
N HIS A 8 -20.81 -5.05 2.31
CA HIS A 8 -21.44 -4.55 3.53
C HIS A 8 -20.93 -3.16 3.96
N GLN A 9 -21.84 -2.28 4.35
CA GLN A 9 -21.55 -0.91 4.85
C GLN A 9 -21.05 -0.91 6.32
N ASN A 10 -21.23 -2.03 7.03
CA ASN A 10 -20.77 -2.25 8.42
C ASN A 10 -19.24 -2.46 8.47
N ARG A 11 -18.70 -2.85 9.64
CA ARG A 11 -17.26 -3.12 9.90
C ARG A 11 -16.59 -4.12 8.94
N GLU A 12 -17.37 -4.99 8.28
CA GLU A 12 -16.93 -5.99 7.30
C GLU A 12 -15.86 -6.97 7.85
N MET A 13 -15.03 -7.56 6.98
CA MET A 13 -13.99 -8.54 7.33
C MET A 13 -12.84 -7.95 8.17
N ILE A 14 -11.93 -8.80 8.68
CA ILE A 14 -10.78 -8.43 9.51
C ILE A 14 -10.00 -7.19 8.99
N ASP A 15 -9.69 -6.27 9.90
CA ASP A 15 -9.10 -4.95 9.61
C ASP A 15 -7.80 -4.68 10.39
N PRO A 16 -6.69 -5.34 10.04
CA PRO A 16 -5.39 -5.16 10.70
C PRO A 16 -4.73 -3.84 10.28
N ASP A 17 -3.80 -3.34 11.10
CA ASP A 17 -2.98 -2.17 10.77
C ASP A 17 -1.90 -2.56 9.73
N LYS A 18 -1.71 -1.74 8.70
CA LYS A 18 -0.74 -1.97 7.61
C LYS A 18 0.02 -0.67 7.27
N PHE A 19 1.17 -0.81 6.62
CA PHE A 19 2.03 0.31 6.25
C PHE A 19 2.79 0.02 4.93
N CYS A 20 3.14 1.09 4.22
CA CYS A 20 3.88 1.08 2.96
C CYS A 20 5.13 1.98 3.12
N SER A 21 6.29 1.35 3.26
CA SER A 21 7.58 2.04 3.47
C SER A 21 8.10 2.79 2.23
N LEU A 22 7.63 2.43 1.03
CA LEU A 22 8.03 3.07 -0.23
C LEU A 22 7.22 4.35 -0.53
N CYS A 23 6.03 4.48 0.08
CA CYS A 23 5.08 5.59 -0.10
C CYS A 23 4.82 6.41 1.19
N HIS A 24 5.29 5.94 2.34
CA HIS A 24 5.07 6.52 3.68
C HIS A 24 3.56 6.71 3.96
N ALA A 25 2.81 5.62 3.82
CA ALA A 25 1.35 5.55 3.98
C ALA A 25 0.93 4.43 4.95
N THR A 26 -0.13 4.67 5.73
CA THR A 26 -0.66 3.75 6.77
C THR A 26 -2.14 3.44 6.51
N PHE A 27 -2.59 2.22 6.85
CA PHE A 27 -3.96 1.75 6.61
C PHE A 27 -4.46 0.92 7.80
N ASN A 28 -5.78 0.84 7.97
CA ASN A 28 -6.42 0.07 9.06
C ASN A 28 -7.74 -0.58 8.60
N ASP A 29 -7.81 -0.98 7.32
CA ASP A 29 -8.96 -1.66 6.68
C ASP A 29 -8.44 -2.59 5.58
N PRO A 30 -9.10 -3.74 5.31
CA PRO A 30 -8.63 -4.72 4.34
C PRO A 30 -8.59 -4.17 2.91
N VAL A 31 -9.71 -3.58 2.48
CA VAL A 31 -9.87 -3.04 1.12
C VAL A 31 -8.98 -1.81 0.92
N MET A 32 -8.83 -0.94 1.93
CA MET A 32 -7.95 0.23 1.85
C MET A 32 -6.49 -0.19 1.63
N ALA A 33 -6.01 -1.18 2.41
CA ALA A 33 -4.67 -1.74 2.26
C ALA A 33 -4.47 -2.33 0.86
N GLN A 34 -5.36 -3.23 0.45
CA GLN A 34 -5.29 -3.90 -0.85
C GLN A 34 -5.33 -2.93 -2.03
N GLN A 35 -6.22 -1.92 -1.99
CA GLN A 35 -6.35 -0.90 -3.05
C GLN A 35 -5.08 -0.06 -3.19
N HIS A 36 -4.39 0.28 -2.10
CA HIS A 36 -3.14 1.03 -2.18
C HIS A 36 -2.08 0.27 -2.99
N TYR A 37 -1.80 -0.99 -2.62
CA TYR A 37 -0.79 -1.84 -3.26
C TYR A 37 -1.00 -2.15 -4.76
N VAL A 38 -2.18 -1.83 -5.33
CA VAL A 38 -2.50 -2.05 -6.76
C VAL A 38 -2.82 -0.75 -7.53
N GLY A 39 -2.83 0.40 -6.88
CA GLY A 39 -3.12 1.70 -7.50
C GLY A 39 -1.91 2.31 -8.21
N LYS A 40 -2.16 3.11 -9.26
CA LYS A 40 -1.10 3.78 -10.06
C LYS A 40 -0.15 4.63 -9.19
N LYS A 41 -0.69 5.31 -8.18
CA LYS A 41 0.07 6.14 -7.22
C LYS A 41 1.17 5.35 -6.51
N HIS A 42 0.87 4.14 -6.03
CA HIS A 42 1.84 3.25 -5.38
C HIS A 42 2.96 2.85 -6.34
N ARG A 43 2.60 2.39 -7.55
CA ARG A 43 3.58 2.01 -8.58
C ARG A 43 4.50 3.19 -8.95
N LYS A 44 3.93 4.38 -9.12
CA LYS A 44 4.64 5.64 -9.43
C LYS A 44 5.61 6.04 -8.30
N GLN A 45 5.17 6.04 -7.05
CA GLN A 45 6.03 6.36 -5.89
C GLN A 45 7.12 5.31 -5.69
N GLU A 46 6.83 4.02 -5.90
CA GLU A 46 7.81 2.93 -5.83
C GLU A 46 8.95 3.15 -6.84
N THR A 47 8.64 3.46 -8.10
CA THR A 47 9.68 3.77 -9.11
C THR A 47 10.44 5.06 -8.77
N LYS A 48 9.76 6.08 -8.24
CA LYS A 48 10.41 7.34 -7.81
C LYS A 48 11.40 7.11 -6.67
N LEU A 49 11.05 6.30 -5.67
CA LEU A 49 11.94 5.97 -4.55
C LEU A 49 13.17 5.21 -5.03
N LYS A 50 13.01 4.22 -5.92
CA LYS A 50 14.14 3.47 -6.52
C LYS A 50 15.06 4.41 -7.31
N LEU A 51 14.48 5.29 -8.15
CA LEU A 51 15.23 6.29 -8.91
C LEU A 51 16.01 7.24 -7.98
N MET A 52 15.38 7.69 -6.89
CA MET A 52 16.03 8.55 -5.88
C MET A 52 17.20 7.82 -5.21
N ALA A 53 17.02 6.55 -4.81
CA ALA A 53 18.06 5.73 -4.17
C ALA A 53 19.27 5.48 -5.10
N ARG A 54 19.04 5.19 -6.39
CA ARG A 54 20.07 4.95 -7.42
C ARG A 54 21.11 6.07 -7.59
N TYR A 55 20.77 7.30 -7.21
CA TYR A 55 21.63 8.49 -7.29
C TYR A 55 21.69 9.29 -5.97
N GLY A 56 21.19 8.73 -4.86
CA GLY A 56 21.09 9.39 -3.54
C GLY A 56 22.37 9.37 -2.68
N ARG A 57 23.25 8.36 -2.87
CA ARG A 57 24.52 8.19 -2.14
C ARG A 57 25.74 8.06 -3.06
N LEU A 58 25.58 8.37 -4.35
CA LEU A 58 26.62 8.33 -5.39
C LEU A 58 27.87 9.14 -5.00
N ALA A 59 27.68 10.33 -4.43
CA ALA A 59 28.74 11.25 -3.99
C ALA A 59 29.48 10.84 -2.69
N ASP A 60 28.94 9.91 -1.89
CA ASP A 60 29.51 9.44 -0.62
C ASP A 60 29.17 7.96 -0.37
ZN ZN B . 2.74 2.22 -1.52
N SER A 1 -30.33 -14.50 18.25
CA SER A 1 -31.20 -14.14 17.12
C SER A 1 -30.81 -12.81 16.44
N THR A 2 -29.78 -12.13 16.94
CA THR A 2 -29.28 -10.82 16.45
C THR A 2 -27.76 -10.80 16.17
N LYS A 3 -27.05 -11.91 16.43
CA LYS A 3 -25.60 -12.07 16.18
C LYS A 3 -25.27 -12.19 14.68
N VAL A 4 -23.99 -12.06 14.35
CA VAL A 4 -23.43 -12.14 12.97
C VAL A 4 -22.32 -13.19 12.81
N GLU A 5 -22.11 -14.03 13.83
CA GLU A 5 -21.10 -15.10 13.86
C GLU A 5 -21.54 -16.32 13.01
N ALA A 6 -21.35 -16.22 11.68
CA ALA A 6 -21.72 -17.24 10.69
C ALA A 6 -20.67 -17.37 9.56
N LEU A 7 -20.84 -18.40 8.71
CA LEU A 7 -19.96 -18.68 7.57
C LEU A 7 -20.00 -17.56 6.51
N HIS A 8 -18.93 -17.46 5.71
CA HIS A 8 -18.72 -16.44 4.66
C HIS A 8 -18.07 -17.03 3.38
N GLN A 9 -18.59 -18.18 2.93
CA GLN A 9 -18.10 -18.89 1.73
C GLN A 9 -18.26 -18.10 0.42
N ASN A 10 -19.18 -17.13 0.37
CA ASN A 10 -19.43 -16.26 -0.80
C ASN A 10 -18.23 -15.32 -1.08
N ARG A 11 -18.22 -14.69 -2.27
CA ARG A 11 -17.19 -13.71 -2.70
C ARG A 11 -17.12 -12.53 -1.71
N GLU A 12 -15.92 -12.15 -1.30
CA GLU A 12 -15.67 -11.06 -0.35
C GLU A 12 -14.29 -10.40 -0.58
N MET A 13 -14.20 -9.10 -0.31
CA MET A 13 -12.98 -8.29 -0.43
C MET A 13 -12.07 -8.48 0.80
N ILE A 14 -11.19 -9.50 0.76
CA ILE A 14 -10.23 -9.80 1.83
C ILE A 14 -9.33 -8.59 2.14
N ASP A 15 -9.06 -8.36 3.43
CA ASP A 15 -8.35 -7.17 3.95
C ASP A 15 -7.06 -7.49 4.73
N PRO A 16 -6.00 -7.98 4.08
CA PRO A 16 -4.70 -8.24 4.71
C PRO A 16 -3.95 -6.92 5.00
N ASP A 17 -3.00 -6.95 5.93
CA ASP A 17 -2.15 -5.79 6.23
C ASP A 17 -1.05 -5.67 5.16
N LYS A 18 -0.74 -4.44 4.73
CA LYS A 18 0.24 -4.16 3.67
C LYS A 18 1.11 -2.95 4.02
N PHE A 19 2.26 -2.80 3.35
CA PHE A 19 3.23 -1.73 3.59
C PHE A 19 3.94 -1.28 2.29
N CYS A 20 4.41 -0.03 2.27
CA CYS A 20 5.16 0.61 1.21
C CYS A 20 6.50 1.13 1.78
N SER A 21 7.61 0.55 1.32
CA SER A 21 8.96 0.93 1.74
C SER A 21 9.42 2.26 1.13
N LEU A 22 8.91 2.61 -0.06
CA LEU A 22 9.24 3.85 -0.77
C LEU A 22 8.66 5.08 -0.05
N CYS A 23 7.41 4.99 0.43
CA CYS A 23 6.66 6.06 1.09
C CYS A 23 6.61 5.93 2.64
N HIS A 24 7.08 4.80 3.20
CA HIS A 24 7.00 4.47 4.63
C HIS A 24 5.55 4.59 5.14
N ALA A 25 4.65 3.87 4.46
CA ALA A 25 3.20 3.89 4.68
C ALA A 25 2.62 2.48 4.87
N THR A 26 1.57 2.35 5.67
CA THR A 26 0.91 1.07 6.03
C THR A 26 -0.58 1.09 5.67
N PHE A 27 -1.14 -0.05 5.28
CA PHE A 27 -2.54 -0.19 4.84
C PHE A 27 -3.17 -1.44 5.47
N ASN A 28 -4.50 -1.41 5.65
CA ASN A 28 -5.28 -2.50 6.28
C ASN A 28 -6.55 -2.86 5.48
N ASP A 29 -6.59 -2.52 4.19
CA ASP A 29 -7.71 -2.79 3.26
C ASP A 29 -7.19 -3.06 1.84
N PRO A 30 -7.91 -3.84 1.01
CA PRO A 30 -7.45 -4.20 -0.33
C PRO A 30 -7.35 -3.02 -1.28
N VAL A 31 -8.42 -2.23 -1.35
CA VAL A 31 -8.54 -1.08 -2.24
C VAL A 31 -7.59 0.05 -1.81
N MET A 32 -7.38 0.25 -0.50
CA MET A 32 -6.41 1.24 -0.01
C MET A 32 -4.99 0.88 -0.46
N ALA A 33 -4.58 -0.38 -0.28
CA ALA A 33 -3.28 -0.88 -0.74
C ALA A 33 -3.13 -0.71 -2.26
N GLN A 34 -4.10 -1.21 -3.02
CA GLN A 34 -4.10 -1.15 -4.49
C GLN A 34 -4.03 0.29 -5.02
N GLN A 35 -4.83 1.21 -4.46
CA GLN A 35 -4.84 2.63 -4.82
C GLN A 35 -3.51 3.30 -4.50
N HIS A 36 -2.92 3.01 -3.33
CA HIS A 36 -1.62 3.57 -2.96
C HIS A 36 -0.54 3.21 -3.99
N TYR A 37 -0.38 1.93 -4.32
CA TYR A 37 0.63 1.43 -5.27
C TYR A 37 0.53 1.95 -6.73
N VAL A 38 -0.48 2.76 -7.08
CA VAL A 38 -0.66 3.31 -8.45
C VAL A 38 -0.95 4.82 -8.48
N GLY A 39 -1.36 5.42 -7.36
CA GLY A 39 -1.67 6.86 -7.27
C GLY A 39 -0.48 7.80 -7.49
N LYS A 40 -0.77 9.04 -7.90
CA LYS A 40 0.22 10.10 -8.19
C LYS A 40 1.18 10.36 -7.03
N LYS A 41 0.69 10.35 -5.78
CA LYS A 41 1.51 10.56 -4.57
C LYS A 41 2.62 9.51 -4.43
N HIS A 42 2.33 8.23 -4.72
CA HIS A 42 3.33 7.16 -4.69
C HIS A 42 4.37 7.35 -5.80
N ARG A 43 3.95 7.68 -7.02
CA ARG A 43 4.86 8.00 -8.15
C ARG A 43 5.83 9.13 -7.76
N LYS A 44 5.32 10.21 -7.17
CA LYS A 44 6.12 11.36 -6.69
C LYS A 44 7.10 10.98 -5.58
N GLN A 45 6.63 10.38 -4.48
CA GLN A 45 7.51 10.00 -3.35
C GLN A 45 8.54 8.92 -3.73
N GLU A 46 8.17 7.96 -4.58
CA GLU A 46 9.10 6.94 -5.11
C GLU A 46 10.21 7.62 -5.93
N THR A 47 9.87 8.60 -6.76
CA THR A 47 10.84 9.40 -7.53
C THR A 47 11.75 10.20 -6.59
N LYS A 48 11.20 10.84 -5.53
CA LYS A 48 11.99 11.58 -4.53
C LYS A 48 13.01 10.69 -3.82
N LEU A 49 12.61 9.51 -3.36
CA LEU A 49 13.54 8.57 -2.70
C LEU A 49 14.61 8.05 -3.67
N LYS A 50 14.22 7.73 -4.92
CA LYS A 50 15.16 7.30 -5.97
C LYS A 50 16.20 8.40 -6.26
N LEU A 51 15.75 9.66 -6.38
CA LEU A 51 16.60 10.83 -6.58
C LEU A 51 17.56 11.03 -5.39
N MET A 52 17.06 10.87 -4.15
CA MET A 52 17.90 10.95 -2.94
C MET A 52 19.00 9.89 -2.99
N ALA A 53 18.66 8.63 -3.27
CA ALA A 53 19.63 7.54 -3.41
C ALA A 53 20.66 7.80 -4.52
N ARG A 54 20.25 8.40 -5.66
CA ARG A 54 21.12 8.76 -6.79
C ARG A 54 22.24 9.75 -6.43
N TYR A 55 22.09 10.51 -5.34
CA TYR A 55 23.07 11.51 -4.87
C TYR A 55 23.71 11.16 -3.50
N GLY A 56 23.01 10.42 -2.63
CA GLY A 56 23.46 10.04 -1.29
C GLY A 56 23.92 8.58 -1.13
N ARG A 57 23.65 7.72 -2.13
CA ARG A 57 24.00 6.28 -2.17
C ARG A 57 24.57 5.86 -3.53
N LEU A 58 25.16 6.81 -4.27
CA LEU A 58 25.75 6.64 -5.61
C LEU A 58 26.74 5.47 -5.66
N ALA A 59 26.42 4.46 -6.49
CA ALA A 59 27.24 3.25 -6.70
C ALA A 59 27.16 2.67 -8.14
N ASP A 60 26.24 3.15 -8.98
CA ASP A 60 26.07 2.70 -10.37
C ASP A 60 27.31 2.99 -11.24
ZN ZN B . 4.21 4.28 -1.75
N SER A 1 -21.28 -20.02 18.95
CA SER A 1 -21.47 -19.15 17.78
C SER A 1 -20.16 -18.68 17.12
N THR A 2 -19.00 -19.10 17.66
CA THR A 2 -17.65 -18.76 17.15
C THR A 2 -17.35 -19.41 15.79
N LYS A 3 -16.42 -18.79 15.04
CA LYS A 3 -15.95 -19.24 13.71
C LYS A 3 -14.46 -18.91 13.51
N VAL A 4 -13.61 -19.60 14.27
CA VAL A 4 -12.13 -19.43 14.29
C VAL A 4 -11.50 -19.54 12.89
N GLU A 5 -12.10 -20.32 11.98
CA GLU A 5 -11.66 -20.49 10.59
C GLU A 5 -11.69 -19.18 9.78
N ALA A 6 -12.57 -18.23 10.15
CA ALA A 6 -12.75 -16.91 9.54
C ALA A 6 -12.83 -16.88 7.99
N LEU A 7 -13.41 -17.94 7.39
CA LEU A 7 -13.56 -18.12 5.94
C LEU A 7 -14.42 -17.00 5.31
N HIS A 8 -13.78 -16.04 4.62
CA HIS A 8 -14.41 -14.89 3.95
C HIS A 8 -13.56 -14.36 2.79
N GLN A 9 -14.12 -13.45 1.97
CA GLN A 9 -13.49 -12.83 0.80
C GLN A 9 -13.88 -11.33 0.66
N ASN A 10 -13.29 -10.63 -0.30
CA ASN A 10 -13.50 -9.20 -0.59
C ASN A 10 -14.73 -8.90 -1.50
N ARG A 11 -15.83 -9.65 -1.36
CA ARG A 11 -17.09 -9.48 -2.11
C ARG A 11 -17.81 -8.14 -1.81
N GLU A 12 -17.43 -7.49 -0.71
CA GLU A 12 -17.93 -6.19 -0.23
C GLU A 12 -16.72 -5.29 0.16
N MET A 13 -16.97 -4.04 0.57
CA MET A 13 -15.95 -3.05 0.97
C MET A 13 -15.28 -3.36 2.33
N ILE A 14 -14.68 -4.55 2.45
CA ILE A 14 -13.92 -4.99 3.64
C ILE A 14 -12.68 -4.08 3.79
N ASP A 15 -12.28 -3.81 5.03
CA ASP A 15 -11.24 -2.84 5.40
C ASP A 15 -9.99 -3.43 6.10
N PRO A 16 -9.19 -4.26 5.41
CA PRO A 16 -7.94 -4.82 5.96
C PRO A 16 -6.83 -3.74 6.02
N ASP A 17 -5.80 -3.99 6.84
CA ASP A 17 -4.64 -3.10 6.92
C ASP A 17 -3.73 -3.27 5.68
N LYS A 18 -3.18 -2.17 5.16
CA LYS A 18 -2.29 -2.13 3.98
C LYS A 18 -1.13 -1.15 4.20
N PHE A 19 -0.06 -1.27 3.41
CA PHE A 19 1.15 -0.46 3.54
C PHE A 19 1.87 -0.20 2.19
N CYS A 20 2.43 1.00 2.05
CA CYS A 20 3.21 1.49 0.93
C CYS A 20 4.68 1.65 1.38
N SER A 21 5.58 0.82 0.83
CA SER A 21 7.01 0.85 1.16
C SER A 21 7.75 2.05 0.54
N LEU A 22 7.26 2.56 -0.58
CA LEU A 22 7.85 3.71 -1.29
C LEU A 22 7.65 5.01 -0.47
N CYS A 23 6.41 5.27 -0.05
CA CYS A 23 6.01 6.45 0.72
C CYS A 23 6.10 6.27 2.25
N HIS A 24 6.32 5.04 2.73
CA HIS A 24 6.30 4.67 4.16
C HIS A 24 4.98 5.12 4.81
N ALA A 25 3.87 4.66 4.22
CA ALA A 25 2.49 5.04 4.57
C ALA A 25 1.63 3.79 4.85
N THR A 26 0.68 3.89 5.79
CA THR A 26 -0.21 2.79 6.22
C THR A 26 -1.68 3.17 6.01
N PHE A 27 -2.52 2.20 5.65
CA PHE A 27 -3.95 2.39 5.36
C PHE A 27 -4.81 1.34 6.07
N ASN A 28 -6.06 1.69 6.37
CA ASN A 28 -7.01 0.83 7.10
C ASN A 28 -8.43 0.88 6.48
N ASP A 29 -8.52 1.16 5.18
CA ASP A 29 -9.77 1.21 4.39
C ASP A 29 -9.48 0.81 2.93
N PRO A 30 -10.44 0.19 2.21
CA PRO A 30 -10.22 -0.30 0.85
C PRO A 30 -9.95 0.83 -0.15
N VAL A 31 -10.81 1.86 -0.12
CA VAL A 31 -10.73 3.00 -1.02
C VAL A 31 -9.52 3.88 -0.69
N MET A 32 -9.14 4.01 0.58
CA MET A 32 -7.93 4.73 1.00
C MET A 32 -6.67 4.09 0.39
N ALA A 33 -6.56 2.76 0.49
CA ALA A 33 -5.46 2.01 -0.11
C ALA A 33 -5.43 2.20 -1.64
N GLN A 34 -6.57 1.94 -2.29
CA GLN A 34 -6.70 2.06 -3.75
C GLN A 34 -6.36 3.47 -4.26
N GLN A 35 -6.87 4.52 -3.61
CA GLN A 35 -6.61 5.92 -3.96
C GLN A 35 -5.13 6.29 -3.76
N HIS A 36 -4.49 5.83 -2.69
CA HIS A 36 -3.07 6.11 -2.45
C HIS A 36 -2.21 5.63 -3.64
N TYR A 37 -2.38 4.37 -4.06
CA TYR A 37 -1.61 3.76 -5.15
C TYR A 37 -1.81 4.39 -6.55
N VAL A 38 -2.72 5.36 -6.73
CA VAL A 38 -2.97 6.04 -8.02
C VAL A 38 -2.90 7.58 -7.96
N GLY A 39 -2.82 8.18 -6.77
CA GLY A 39 -2.71 9.64 -6.61
C GLY A 39 -1.35 10.18 -7.03
N LYS A 40 -1.32 11.40 -7.60
CA LYS A 40 -0.09 12.05 -8.10
C LYS A 40 1.05 12.11 -7.06
N LYS A 41 0.74 12.33 -5.79
CA LYS A 41 1.74 12.34 -4.69
C LYS A 41 2.48 11.00 -4.56
N HIS A 42 1.81 9.87 -4.77
CA HIS A 42 2.44 8.54 -4.77
C HIS A 42 3.37 8.40 -5.98
N ARG A 43 2.96 8.85 -7.18
CA ARG A 43 3.83 8.83 -8.38
C ARG A 43 5.11 9.62 -8.12
N LYS A 44 5.00 10.84 -7.57
CA LYS A 44 6.13 11.71 -7.22
C LYS A 44 7.09 11.08 -6.21
N GLN A 45 6.57 10.50 -5.12
CA GLN A 45 7.42 9.85 -4.11
C GLN A 45 7.99 8.51 -4.58
N GLU A 46 7.26 7.75 -5.40
CA GLU A 46 7.73 6.49 -5.99
C GLU A 46 8.96 6.74 -6.88
N THR A 47 8.90 7.72 -7.79
CA THR A 47 10.05 8.07 -8.63
C THR A 47 11.20 8.66 -7.80
N LYS A 48 10.91 9.49 -6.79
CA LYS A 48 11.93 10.06 -5.88
C LYS A 48 12.71 8.97 -5.16
N LEU A 49 12.01 8.02 -4.54
CA LEU A 49 12.59 6.88 -3.82
C LEU A 49 13.37 5.98 -4.78
N LYS A 50 12.76 5.60 -5.93
CA LYS A 50 13.41 4.75 -6.95
C LYS A 50 14.71 5.37 -7.45
N LEU A 51 14.72 6.66 -7.78
CA LEU A 51 15.92 7.39 -8.24
C LEU A 51 16.99 7.43 -7.14
N MET A 52 16.60 7.74 -5.89
CA MET A 52 17.51 7.75 -4.74
C MET A 52 18.16 6.38 -4.52
N ALA A 53 17.39 5.28 -4.65
CA ALA A 53 17.89 3.91 -4.55
C ALA A 53 18.81 3.53 -5.72
N ARG A 54 18.44 3.91 -6.96
CA ARG A 54 19.20 3.67 -8.21
C ARG A 54 20.63 4.22 -8.15
N TYR A 55 20.81 5.36 -7.48
CA TYR A 55 22.10 6.04 -7.28
C TYR A 55 22.61 5.94 -5.82
N GLY A 56 22.08 4.98 -5.05
CA GLY A 56 22.43 4.71 -3.64
C GLY A 56 23.16 3.38 -3.44
N ARG A 57 23.31 2.96 -2.18
CA ARG A 57 24.00 1.71 -1.79
C ARG A 57 23.32 0.45 -2.34
N LEU A 58 24.13 -0.55 -2.69
CA LEU A 58 23.70 -1.87 -3.22
C LEU A 58 24.07 -3.05 -2.29
N ALA A 59 25.02 -2.85 -1.37
CA ALA A 59 25.58 -3.78 -0.36
C ALA A 59 26.20 -5.11 -0.85
N ASP A 60 25.74 -5.69 -1.96
CA ASP A 60 26.24 -6.95 -2.54
C ASP A 60 26.03 -6.98 -4.07
ZN ZN B . 2.83 5.45 -1.81
N SER A 1 -14.48 -28.27 4.14
CA SER A 1 -14.48 -28.38 2.68
C SER A 1 -15.83 -28.00 2.03
N THR A 2 -16.88 -27.83 2.85
CA THR A 2 -18.23 -27.44 2.43
C THR A 2 -18.98 -26.67 3.54
N LYS A 3 -19.98 -25.86 3.14
CA LYS A 3 -20.83 -25.03 4.02
C LYS A 3 -22.16 -24.68 3.33
N VAL A 4 -23.15 -24.27 4.12
CA VAL A 4 -24.52 -23.89 3.67
C VAL A 4 -25.04 -22.66 4.44
N GLU A 5 -24.14 -21.78 4.86
CA GLU A 5 -24.45 -20.58 5.68
C GLU A 5 -24.26 -19.27 4.89
N ALA A 6 -23.09 -19.06 4.27
CA ALA A 6 -22.73 -17.90 3.44
C ALA A 6 -23.19 -16.52 3.97
N LEU A 7 -23.14 -16.30 5.30
CA LEU A 7 -23.56 -15.06 5.95
C LEU A 7 -22.64 -13.85 5.65
N HIS A 8 -21.32 -14.09 5.62
CA HIS A 8 -20.25 -13.09 5.41
C HIS A 8 -20.30 -11.88 6.35
N GLN A 9 -19.38 -10.92 6.17
CA GLN A 9 -19.25 -9.69 6.98
C GLN A 9 -18.89 -8.46 6.11
N ASN A 10 -19.16 -8.51 4.80
CA ASN A 10 -18.81 -7.48 3.80
C ASN A 10 -19.40 -6.06 4.00
N ARG A 11 -20.27 -5.83 5.00
CA ARG A 11 -20.86 -4.51 5.31
C ARG A 11 -19.81 -3.45 5.69
N GLU A 12 -18.66 -3.87 6.21
CA GLU A 12 -17.55 -3.00 6.64
C GLU A 12 -16.19 -3.73 6.54
N MET A 13 -15.08 -3.04 6.81
CA MET A 13 -13.71 -3.58 6.77
C MET A 13 -12.88 -3.08 7.96
N ILE A 14 -11.92 -3.91 8.43
CA ILE A 14 -11.00 -3.59 9.53
C ILE A 14 -10.03 -2.46 9.13
N ASP A 15 -9.58 -1.67 10.11
CA ASP A 15 -8.73 -0.47 9.94
C ASP A 15 -7.40 -0.49 10.73
N PRO A 16 -6.49 -1.45 10.45
CA PRO A 16 -5.19 -1.54 11.11
C PRO A 16 -4.19 -0.51 10.54
N ASP A 17 -3.06 -0.31 11.22
CA ASP A 17 -1.98 0.54 10.73
C ASP A 17 -1.22 -0.17 9.58
N LYS A 18 -0.83 0.58 8.54
CA LYS A 18 -0.12 0.09 7.35
C LYS A 18 1.00 1.07 6.96
N PHE A 19 1.96 0.61 6.16
CA PHE A 19 3.12 1.39 5.73
C PHE A 19 3.60 1.04 4.31
N CYS A 20 4.29 1.97 3.65
CA CYS A 20 4.88 1.85 2.33
C CYS A 20 6.37 2.27 2.40
N SER A 21 7.26 1.29 2.22
CA SER A 21 8.72 1.51 2.26
C SER A 21 9.25 2.27 1.04
N LEU A 22 8.63 2.09 -0.13
CA LEU A 22 9.02 2.73 -1.39
C LEU A 22 8.71 4.25 -1.42
N CYS A 23 7.78 4.71 -0.57
CA CYS A 23 7.32 6.11 -0.47
C CYS A 23 7.53 6.73 0.93
N HIS A 24 7.91 5.93 1.94
CA HIS A 24 8.02 6.31 3.35
C HIS A 24 6.72 6.98 3.84
N ALA A 25 5.61 6.27 3.68
CA ALA A 25 4.24 6.72 3.97
C ALA A 25 3.50 5.75 4.90
N THR A 26 2.61 6.26 5.76
CA THR A 26 1.85 5.48 6.76
C THR A 26 0.34 5.70 6.59
N PHE A 27 -0.47 4.67 6.87
CA PHE A 27 -1.93 4.68 6.71
C PHE A 27 -2.62 4.03 7.92
N ASN A 28 -3.90 4.38 8.16
CA ASN A 28 -4.69 3.89 9.31
C ASN A 28 -6.14 3.51 8.93
N ASP A 29 -6.41 3.25 7.64
CA ASP A 29 -7.72 2.84 7.11
C ASP A 29 -7.55 1.86 5.94
N PRO A 30 -8.52 0.95 5.69
CA PRO A 30 -8.42 -0.07 4.65
C PRO A 30 -8.34 0.52 3.25
N VAL A 31 -9.26 1.44 2.95
CA VAL A 31 -9.37 2.09 1.64
C VAL A 31 -8.19 3.05 1.42
N MET A 32 -7.72 3.75 2.46
CA MET A 32 -6.54 4.62 2.37
C MET A 32 -5.29 3.81 1.96
N ALA A 33 -5.06 2.67 2.62
CA ALA A 33 -3.96 1.76 2.29
C ALA A 33 -4.09 1.23 0.86
N GLN A 34 -5.26 0.67 0.52
CA GLN A 34 -5.53 0.10 -0.79
C GLN A 34 -5.36 1.13 -1.93
N GLN A 35 -5.88 2.35 -1.75
CA GLN A 35 -5.77 3.45 -2.72
C GLN A 35 -4.31 3.86 -2.91
N HIS A 36 -3.52 3.96 -1.83
CA HIS A 36 -2.09 4.30 -1.96
C HIS A 36 -1.37 3.25 -2.82
N TYR A 37 -1.52 1.95 -2.52
CA TYR A 37 -0.86 0.86 -3.24
C TYR A 37 -1.22 0.69 -4.73
N VAL A 38 -2.14 1.50 -5.28
CA VAL A 38 -2.57 1.42 -6.70
C VAL A 38 -2.62 2.78 -7.43
N GLY A 39 -2.69 3.90 -6.70
CA GLY A 39 -2.73 5.25 -7.28
C GLY A 39 -1.41 5.68 -7.95
N LYS A 40 -1.51 6.57 -8.95
CA LYS A 40 -0.36 7.07 -9.75
C LYS A 40 0.78 7.64 -8.90
N LYS A 41 0.47 8.31 -7.78
CA LYS A 41 1.46 8.89 -6.84
C LYS A 41 2.47 7.85 -6.34
N HIS A 42 2.01 6.64 -6.00
CA HIS A 42 2.88 5.53 -5.57
C HIS A 42 3.83 5.10 -6.69
N ARG A 43 3.33 4.95 -7.93
CA ARG A 43 4.16 4.60 -9.10
C ARG A 43 5.25 5.65 -9.33
N LYS A 44 4.87 6.94 -9.32
CA LYS A 44 5.79 8.08 -9.48
C LYS A 44 6.87 8.13 -8.39
N GLN A 45 6.48 8.13 -7.12
CA GLN A 45 7.44 8.20 -6.00
C GLN A 45 8.33 6.94 -5.90
N GLU A 46 7.80 5.75 -6.16
CA GLU A 46 8.59 4.51 -6.17
C GLU A 46 9.73 4.63 -7.18
N THR A 47 9.43 5.00 -8.43
CA THR A 47 10.45 5.20 -9.48
C THR A 47 11.45 6.29 -9.08
N LYS A 48 10.98 7.44 -8.56
CA LYS A 48 11.84 8.55 -8.13
C LYS A 48 12.83 8.16 -7.02
N LEU A 49 12.36 7.54 -5.94
CA LEU A 49 13.22 7.11 -4.84
C LEU A 49 14.16 5.97 -5.23
N LYS A 50 13.72 5.00 -6.03
CA LYS A 50 14.58 3.91 -6.54
C LYS A 50 15.69 4.46 -7.44
N LEU A 51 15.37 5.39 -8.34
CA LEU A 51 16.35 6.08 -9.21
C LEU A 51 17.34 6.89 -8.37
N MET A 52 16.86 7.66 -7.39
CA MET A 52 17.69 8.46 -6.48
C MET A 52 18.68 7.57 -5.70
N ALA A 53 18.23 6.42 -5.19
CA ALA A 53 19.07 5.45 -4.48
C ALA A 53 20.13 4.84 -5.41
N ARG A 54 19.73 4.41 -6.63
CA ARG A 54 20.61 3.84 -7.67
C ARG A 54 21.75 4.78 -8.08
N TYR A 55 21.52 6.09 -8.04
CA TYR A 55 22.50 7.15 -8.36
C TYR A 55 23.07 7.86 -7.10
N GLY A 56 22.88 7.29 -5.90
CA GLY A 56 23.39 7.84 -4.64
C GLY A 56 24.93 7.82 -4.55
N ARG A 57 25.48 8.52 -3.55
CA ARG A 57 26.94 8.64 -3.30
C ARG A 57 27.61 7.26 -3.21
N LEU A 58 28.33 6.88 -4.26
CA LEU A 58 29.03 5.59 -4.43
C LEU A 58 28.10 4.36 -4.21
N ALA A 59 26.79 4.51 -4.46
CA ALA A 59 25.75 3.50 -4.27
C ALA A 59 25.66 2.43 -5.39
N ASP A 60 26.72 2.24 -6.19
CA ASP A 60 26.82 1.28 -7.31
C ASP A 60 25.57 1.27 -8.22
ZN ZN B . 3.94 3.89 -1.91
N SER A 1 -15.75 -9.40 14.92
CA SER A 1 -14.28 -9.48 14.88
C SER A 1 -13.75 -10.62 13.99
N THR A 2 -14.64 -11.40 13.37
CA THR A 2 -14.29 -12.53 12.48
C THR A 2 -13.61 -12.07 11.18
N LYS A 3 -12.58 -12.83 10.75
CA LYS A 3 -11.77 -12.55 9.54
C LYS A 3 -11.29 -13.81 8.77
N VAL A 4 -11.85 -14.97 9.08
CA VAL A 4 -11.50 -16.28 8.47
C VAL A 4 -12.75 -17.05 8.05
N GLU A 5 -13.75 -17.15 8.94
CA GLU A 5 -15.05 -17.82 8.70
C GLU A 5 -16.04 -16.91 7.93
N ALA A 6 -15.57 -16.27 6.85
CA ALA A 6 -16.34 -15.36 6.01
C ALA A 6 -17.53 -16.06 5.31
N LEU A 7 -18.55 -15.27 4.94
CA LEU A 7 -19.77 -15.73 4.26
C LEU A 7 -19.90 -15.15 2.84
N HIS A 8 -20.57 -15.91 1.97
CA HIS A 8 -20.86 -15.56 0.57
C HIS A 8 -21.86 -14.39 0.44
N GLN A 9 -21.85 -13.74 -0.72
CA GLN A 9 -22.74 -12.63 -1.12
C GLN A 9 -22.85 -11.47 -0.10
N ASN A 10 -21.81 -11.22 0.71
CA ASN A 10 -21.82 -10.15 1.71
C ASN A 10 -21.81 -8.75 1.06
N ARG A 11 -22.43 -7.76 1.73
CA ARG A 11 -22.54 -6.35 1.26
C ARG A 11 -21.23 -5.56 1.24
N GLU A 12 -20.19 -5.99 1.93
CA GLU A 12 -18.89 -5.30 2.01
C GLU A 12 -17.71 -6.29 2.16
N MET A 13 -16.51 -5.87 1.73
CA MET A 13 -15.27 -6.65 1.84
C MET A 13 -14.66 -6.62 3.26
N ILE A 14 -13.81 -7.60 3.57
CA ILE A 14 -13.06 -7.70 4.83
C ILE A 14 -12.02 -6.57 4.95
N ASP A 15 -11.62 -6.23 6.18
CA ASP A 15 -10.72 -5.11 6.52
C ASP A 15 -9.41 -5.52 7.24
N PRO A 16 -8.53 -6.33 6.61
CA PRO A 16 -7.25 -6.74 7.18
C PRO A 16 -6.21 -5.60 7.14
N ASP A 17 -5.11 -5.76 7.89
CA ASP A 17 -3.99 -4.81 7.89
C ASP A 17 -3.11 -4.98 6.64
N LYS A 18 -2.60 -3.87 6.08
CA LYS A 18 -1.72 -3.81 4.90
C LYS A 18 -0.62 -2.78 5.08
N PHE A 19 0.44 -2.87 4.29
CA PHE A 19 1.62 -2.00 4.33
C PHE A 19 2.24 -1.80 2.93
N CYS A 20 2.87 -0.65 2.72
CA CYS A 20 3.56 -0.27 1.50
C CYS A 20 5.04 0.01 1.81
N SER A 21 5.91 -0.95 1.51
CA SER A 21 7.36 -0.87 1.74
C SER A 21 8.09 0.13 0.84
N LEU A 22 7.42 0.66 -0.18
CA LEU A 22 7.97 1.65 -1.13
C LEU A 22 7.61 3.10 -0.75
N CYS A 23 6.65 3.28 0.18
CA CYS A 23 6.14 4.57 0.67
C CYS A 23 6.18 4.72 2.21
N HIS A 24 6.44 3.62 2.95
CA HIS A 24 6.40 3.55 4.42
C HIS A 24 5.02 4.02 4.96
N ALA A 25 3.97 3.38 4.46
CA ALA A 25 2.56 3.66 4.76
C ALA A 25 1.81 2.38 5.18
N THR A 26 0.86 2.50 6.10
CA THR A 26 0.08 1.38 6.68
C THR A 26 -1.43 1.62 6.52
N PHE A 27 -2.22 0.55 6.34
CA PHE A 27 -3.67 0.62 6.11
C PHE A 27 -4.41 -0.47 6.90
N ASN A 28 -5.70 -0.24 7.18
CA ASN A 28 -6.56 -1.16 7.96
C ASN A 28 -7.99 -1.25 7.36
N ASP A 29 -8.17 -0.93 6.07
CA ASP A 29 -9.44 -0.98 5.34
C ASP A 29 -9.20 -1.43 3.88
N PRO A 30 -10.16 -2.12 3.24
CA PRO A 30 -9.97 -2.66 1.89
C PRO A 30 -9.78 -1.58 0.83
N VAL A 31 -10.68 -0.60 0.82
CA VAL A 31 -10.68 0.49 -0.16
C VAL A 31 -9.51 1.43 0.07
N MET A 32 -9.16 1.74 1.32
CA MET A 32 -8.00 2.60 1.64
C MET A 32 -6.68 1.96 1.14
N ALA A 33 -6.51 0.65 1.35
CA ALA A 33 -5.36 -0.09 0.85
C ALA A 33 -5.31 -0.07 -0.69
N GLN A 34 -6.41 -0.47 -1.35
CA GLN A 34 -6.50 -0.54 -2.80
C GLN A 34 -6.28 0.83 -3.48
N GLN A 35 -6.87 1.90 -2.93
CA GLN A 35 -6.74 3.27 -3.45
C GLN A 35 -5.29 3.77 -3.37
N HIS A 36 -4.53 3.42 -2.32
CA HIS A 36 -3.13 3.81 -2.20
C HIS A 36 -2.31 3.24 -3.37
N TYR A 37 -2.37 1.92 -3.59
CA TYR A 37 -1.63 1.21 -4.63
C TYR A 37 -1.89 1.65 -6.10
N VAL A 38 -2.91 2.49 -6.35
CA VAL A 38 -3.26 3.00 -7.70
C VAL A 38 -3.33 4.54 -7.78
N GLY A 39 -3.05 5.25 -6.69
CA GLY A 39 -3.08 6.71 -6.63
C GLY A 39 -1.78 7.37 -7.12
N LYS A 40 -1.88 8.58 -7.68
CA LYS A 40 -0.73 9.35 -8.20
C LYS A 40 0.38 9.54 -7.16
N LYS A 41 0.02 9.74 -5.88
CA LYS A 41 0.96 9.88 -4.75
C LYS A 41 1.88 8.67 -4.62
N HIS A 42 1.33 7.45 -4.69
CA HIS A 42 2.12 6.20 -4.65
C HIS A 42 3.08 6.11 -5.83
N ARG A 43 2.62 6.40 -7.06
CA ARG A 43 3.48 6.40 -8.25
C ARG A 43 4.66 7.37 -8.11
N LYS A 44 4.39 8.63 -7.71
CA LYS A 44 5.41 9.67 -7.50
C LYS A 44 6.36 9.34 -6.34
N GLN A 45 5.86 8.85 -5.21
CA GLN A 45 6.70 8.48 -4.06
C GLN A 45 7.58 7.27 -4.38
N GLU A 46 7.07 6.27 -5.09
CA GLU A 46 7.85 5.11 -5.53
C GLU A 46 9.02 5.55 -6.42
N THR A 47 8.77 6.42 -7.41
CA THR A 47 9.87 6.94 -8.27
C THR A 47 10.85 7.80 -7.47
N LYS A 48 10.40 8.57 -6.46
CA LYS A 48 11.28 9.36 -5.58
C LYS A 48 12.21 8.43 -4.80
N LEU A 49 11.69 7.40 -4.14
CA LEU A 49 12.48 6.42 -3.40
C LEU A 49 13.43 5.64 -4.32
N LYS A 50 12.99 5.23 -5.51
CA LYS A 50 13.83 4.53 -6.50
C LYS A 50 15.02 5.40 -6.93
N LEU A 51 14.76 6.68 -7.25
CA LEU A 51 15.78 7.68 -7.61
C LEU A 51 16.76 7.88 -6.44
N MET A 52 16.24 8.12 -5.24
CA MET A 52 17.05 8.30 -4.02
C MET A 52 17.97 7.09 -3.75
N ALA A 53 17.46 5.87 -3.92
CA ALA A 53 18.23 4.63 -3.72
C ALA A 53 19.38 4.48 -4.74
N ARG A 54 19.10 4.62 -6.05
CA ARG A 54 20.13 4.49 -7.11
C ARG A 54 21.15 5.65 -7.11
N TYR A 55 20.70 6.87 -6.79
CA TYR A 55 21.56 8.07 -6.73
C TYR A 55 22.42 8.11 -5.44
N GLY A 56 21.99 7.42 -4.38
CA GLY A 56 22.67 7.32 -3.08
C GLY A 56 23.96 6.49 -3.05
N ARG A 57 24.37 5.91 -4.19
CA ARG A 57 25.61 5.10 -4.34
C ARG A 57 26.86 5.92 -3.93
N LEU A 58 27.85 5.26 -3.35
CA LEU A 58 29.11 5.88 -2.88
C LEU A 58 29.95 6.55 -3.98
N ALA A 59 29.78 6.13 -5.24
CA ALA A 59 30.45 6.67 -6.43
C ALA A 59 29.59 6.48 -7.70
N ASP A 60 29.92 7.20 -8.78
CA ASP A 60 29.22 7.14 -10.07
C ASP A 60 30.18 7.44 -11.24
ZN ZN B . 2.83 3.20 -1.76
N SER A 1 -22.25 -4.19 -0.82
CA SER A 1 -22.93 -5.40 -0.39
C SER A 1 -23.38 -6.32 -1.54
N THR A 2 -23.23 -5.89 -2.79
CA THR A 2 -23.61 -6.61 -4.03
C THR A 2 -23.02 -8.03 -4.12
N LYS A 3 -21.87 -8.27 -3.47
CA LYS A 3 -21.19 -9.59 -3.40
C LYS A 3 -21.92 -10.65 -2.54
N VAL A 4 -22.95 -10.26 -1.79
CA VAL A 4 -23.76 -11.11 -0.87
C VAL A 4 -22.88 -11.91 0.11
N GLU A 5 -22.30 -11.19 1.08
CA GLU A 5 -21.44 -11.77 2.12
C GLU A 5 -22.16 -12.82 3.00
N ALA A 6 -21.39 -13.69 3.66
CA ALA A 6 -21.90 -14.74 4.54
C ALA A 6 -22.67 -14.18 5.77
N LEU A 7 -23.55 -15.01 6.35
CA LEU A 7 -24.34 -14.67 7.55
C LEU A 7 -23.46 -14.53 8.80
N HIS A 8 -23.83 -13.61 9.70
CA HIS A 8 -23.15 -13.29 10.96
C HIS A 8 -21.63 -12.99 10.80
N GLN A 9 -20.87 -13.00 11.89
CA GLN A 9 -19.43 -12.70 11.92
C GLN A 9 -18.70 -13.68 12.86
N ASN A 10 -17.62 -14.30 12.38
CA ASN A 10 -16.80 -15.27 13.11
C ASN A 10 -15.31 -15.10 12.74
N ARG A 11 -14.95 -15.35 11.47
CA ARG A 11 -13.59 -15.19 10.90
C ARG A 11 -13.71 -14.69 9.46
N GLU A 12 -13.07 -13.56 9.18
CA GLU A 12 -13.04 -12.85 7.89
C GLU A 12 -11.86 -11.85 7.84
N MET A 13 -11.66 -11.15 6.73
CA MET A 13 -10.61 -10.13 6.59
C MET A 13 -10.75 -9.00 7.64
N ILE A 14 -9.62 -8.43 8.06
CA ILE A 14 -9.53 -7.37 9.09
C ILE A 14 -9.04 -6.04 8.49
N ASP A 15 -9.37 -4.93 9.16
CA ASP A 15 -9.11 -3.54 8.70
C ASP A 15 -8.23 -2.68 9.64
N PRO A 16 -6.99 -3.10 9.95
CA PRO A 16 -6.06 -2.33 10.78
C PRO A 16 -5.45 -1.14 10.00
N ASP A 17 -4.81 -0.22 10.72
CA ASP A 17 -4.08 0.90 10.10
C ASP A 17 -2.79 0.38 9.43
N LYS A 18 -2.51 0.84 8.20
CA LYS A 18 -1.34 0.48 7.39
C LYS A 18 -0.72 1.74 6.78
N PHE A 19 0.54 1.65 6.35
CA PHE A 19 1.30 2.79 5.82
C PHE A 19 2.34 2.38 4.77
N CYS A 20 2.73 3.33 3.91
CA CYS A 20 3.75 3.23 2.88
C CYS A 20 4.71 4.42 3.03
N SER A 21 5.94 4.15 3.46
CA SER A 21 6.96 5.16 3.74
C SER A 21 7.60 5.81 2.51
N LEU A 22 7.53 5.17 1.33
CA LEU A 22 8.06 5.75 0.08
C LEU A 22 7.04 6.74 -0.53
N CYS A 23 5.77 6.36 -0.54
CA CYS A 23 4.64 7.14 -1.07
C CYS A 23 4.05 8.14 -0.05
N HIS A 24 4.40 8.02 1.24
CA HIS A 24 3.85 8.82 2.36
C HIS A 24 2.31 8.76 2.38
N ALA A 25 1.77 7.54 2.34
CA ALA A 25 0.34 7.23 2.26
C ALA A 25 -0.11 6.26 3.38
N THR A 26 -1.32 6.47 3.90
CA THR A 26 -1.92 5.69 5.01
C THR A 26 -3.22 5.02 4.55
N PHE A 27 -3.53 3.83 5.10
CA PHE A 27 -4.70 3.02 4.74
C PHE A 27 -5.37 2.46 6.00
N ASN A 28 -6.68 2.22 5.95
CA ASN A 28 -7.49 1.70 7.07
C ASN A 28 -8.52 0.65 6.63
N ASP A 29 -8.24 -0.08 5.55
CA ASP A 29 -9.05 -1.17 5.00
C ASP A 29 -8.13 -2.20 4.31
N PRO A 30 -8.48 -3.51 4.31
CA PRO A 30 -7.63 -4.55 3.73
C PRO A 30 -7.40 -4.35 2.23
N VAL A 31 -8.49 -4.14 1.49
CA VAL A 31 -8.46 -3.95 0.04
C VAL A 31 -7.77 -2.64 -0.32
N MET A 32 -7.99 -1.56 0.43
CA MET A 32 -7.31 -0.27 0.22
C MET A 32 -5.78 -0.41 0.35
N ALA A 33 -5.31 -1.10 1.40
CA ALA A 33 -3.89 -1.37 1.62
C ALA A 33 -3.31 -2.20 0.47
N GLN A 34 -3.92 -3.37 0.18
CA GLN A 34 -3.46 -4.27 -0.86
C GLN A 34 -3.46 -3.62 -2.26
N GLN A 35 -4.50 -2.85 -2.61
CA GLN A 35 -4.60 -2.14 -3.88
C GLN A 35 -3.49 -1.09 -4.03
N HIS A 36 -3.15 -0.36 -2.96
CA HIS A 36 -2.06 0.61 -3.02
C HIS A 36 -0.72 -0.09 -3.35
N TYR A 37 -0.36 -1.14 -2.60
CA TYR A 37 0.88 -1.90 -2.78
C TYR A 37 1.10 -2.55 -4.18
N VAL A 38 0.10 -2.56 -5.07
CA VAL A 38 0.20 -3.12 -6.43
C VAL A 38 -0.22 -2.16 -7.55
N GLY A 39 -0.78 -0.98 -7.22
CA GLY A 39 -1.24 0.01 -8.20
C GLY A 39 -0.12 0.82 -8.86
N LYS A 40 -0.40 1.37 -10.06
CA LYS A 40 0.53 2.17 -10.87
C LYS A 40 1.19 3.33 -10.10
N LYS A 41 0.45 3.99 -9.20
CA LYS A 41 0.93 5.09 -8.35
C LYS A 41 2.08 4.67 -7.44
N HIS A 42 2.01 3.47 -6.84
CA HIS A 42 3.08 2.94 -5.99
C HIS A 42 4.32 2.63 -6.82
N ARG A 43 4.16 2.07 -8.03
CA ARG A 43 5.29 1.78 -8.93
C ARG A 43 6.04 3.07 -9.29
N LYS A 44 5.29 4.10 -9.71
CA LYS A 44 5.80 5.44 -10.05
C LYS A 44 6.56 6.09 -8.89
N GLN A 45 5.92 6.21 -7.72
CA GLN A 45 6.53 6.83 -6.55
C GLN A 45 7.70 6.02 -5.97
N GLU A 46 7.68 4.69 -6.01
CA GLU A 46 8.80 3.85 -5.59
C GLU A 46 10.04 4.14 -6.45
N THR A 47 9.88 4.14 -7.78
CA THR A 47 10.95 4.49 -8.73
C THR A 47 11.46 5.91 -8.49
N LYS A 48 10.55 6.89 -8.30
CA LYS A 48 10.91 8.30 -8.02
C LYS A 48 11.75 8.43 -6.74
N LEU A 49 11.32 7.78 -5.64
CA LEU A 49 12.03 7.78 -4.36
C LEU A 49 13.40 7.10 -4.49
N LYS A 50 13.46 5.91 -5.12
CA LYS A 50 14.69 5.17 -5.37
C LYS A 50 15.71 6.00 -6.17
N LEU A 51 15.25 6.64 -7.25
CA LEU A 51 16.07 7.54 -8.09
C LEU A 51 16.58 8.72 -7.24
N MET A 52 15.71 9.41 -6.51
CA MET A 52 16.09 10.53 -5.64
C MET A 52 17.14 10.13 -4.59
N ALA A 53 16.99 8.98 -3.94
CA ALA A 53 17.94 8.46 -2.96
C ALA A 53 19.31 8.14 -3.60
N ARG A 54 19.31 7.44 -4.74
CA ARG A 54 20.52 7.07 -5.51
C ARG A 54 21.27 8.29 -6.05
N TYR A 55 20.55 9.22 -6.66
CA TYR A 55 21.07 10.47 -7.25
C TYR A 55 21.55 11.48 -6.19
N GLY A 56 21.09 11.35 -4.94
CA GLY A 56 21.43 12.21 -3.80
C GLY A 56 22.89 12.13 -3.30
N ARG A 57 23.71 11.24 -3.88
CA ARG A 57 25.14 11.05 -3.56
C ARG A 57 25.97 10.71 -4.81
N LEU A 58 27.29 10.89 -4.72
CA LEU A 58 28.26 10.61 -5.79
C LEU A 58 29.61 10.21 -5.16
N ALA A 59 29.91 8.90 -5.18
CA ALA A 59 31.12 8.32 -4.59
C ALA A 59 31.74 7.15 -5.42
N ASP A 60 31.28 6.96 -6.67
CA ASP A 60 31.75 5.89 -7.57
C ASP A 60 31.69 6.34 -9.05
ZN ZN B . 3.41 3.06 -1.85
N SER A 1 -26.60 -26.36 -7.19
CA SER A 1 -26.63 -27.75 -6.71
C SER A 1 -25.98 -27.94 -5.32
N THR A 2 -25.47 -26.87 -4.71
CA THR A 2 -24.81 -26.84 -3.39
C THR A 2 -25.26 -25.59 -2.61
N LYS A 3 -25.58 -25.76 -1.32
CA LYS A 3 -26.04 -24.68 -0.41
C LYS A 3 -25.59 -24.94 1.04
N VAL A 4 -24.28 -24.85 1.26
CA VAL A 4 -23.64 -25.05 2.59
C VAL A 4 -24.08 -24.01 3.62
N GLU A 5 -23.89 -24.33 4.91
CA GLU A 5 -24.24 -23.48 6.06
C GLU A 5 -23.22 -22.33 6.30
N ALA A 6 -22.98 -21.51 5.27
CA ALA A 6 -22.06 -20.37 5.30
C ALA A 6 -22.48 -19.31 6.33
N LEU A 7 -21.50 -18.69 7.00
CA LEU A 7 -21.71 -17.65 8.01
C LEU A 7 -21.98 -16.27 7.38
N HIS A 8 -22.92 -15.51 7.97
CA HIS A 8 -23.34 -14.16 7.56
C HIS A 8 -23.59 -13.23 8.76
N GLN A 9 -22.91 -13.46 9.89
CA GLN A 9 -23.07 -12.73 11.16
C GLN A 9 -22.95 -11.20 11.01
N ASN A 10 -21.86 -10.72 10.39
CA ASN A 10 -21.58 -9.31 10.11
C ASN A 10 -20.44 -9.17 9.08
N ARG A 11 -20.07 -7.93 8.74
CA ARG A 11 -18.95 -7.59 7.83
C ARG A 11 -17.59 -8.04 8.39
N GLU A 12 -16.58 -8.11 7.52
CA GLU A 12 -15.21 -8.54 7.87
C GLU A 12 -14.19 -7.50 7.39
N MET A 13 -14.01 -6.45 8.19
CA MET A 13 -13.11 -5.32 7.93
C MET A 13 -12.37 -4.87 9.20
N ILE A 14 -11.16 -4.34 9.04
CA ILE A 14 -10.29 -3.80 10.09
C ILE A 14 -9.52 -2.59 9.49
N ASP A 15 -9.27 -1.56 10.30
CA ASP A 15 -8.67 -0.28 9.85
C ASP A 15 -7.43 0.15 10.67
N PRO A 16 -6.31 -0.60 10.58
CA PRO A 16 -5.07 -0.26 11.27
C PRO A 16 -4.35 0.92 10.60
N ASP A 17 -3.49 1.61 11.34
CA ASP A 17 -2.65 2.69 10.80
C ASP A 17 -1.48 2.11 9.98
N LYS A 18 -1.14 2.76 8.85
CA LYS A 18 -0.06 2.36 7.93
C LYS A 18 0.72 3.58 7.46
N PHE A 19 1.94 3.36 7.00
CA PHE A 19 2.83 4.42 6.51
C PHE A 19 3.79 3.91 5.42
N CYS A 20 3.74 4.56 4.25
CA CYS A 20 4.65 4.32 3.14
C CYS A 20 5.93 5.13 3.39
N SER A 21 7.03 4.44 3.73
CA SER A 21 8.32 5.10 4.00
C SER A 21 8.98 5.63 2.71
N LEU A 22 8.62 5.06 1.55
CA LEU A 22 9.14 5.47 0.25
C LEU A 22 8.50 6.81 -0.18
N CYS A 23 7.18 6.92 -0.14
CA CYS A 23 6.40 8.11 -0.52
C CYS A 23 6.17 9.11 0.62
N HIS A 24 6.48 8.74 1.87
CA HIS A 24 6.21 9.54 3.08
C HIS A 24 4.71 9.89 3.19
N ALA A 25 3.86 8.87 3.16
CA ALA A 25 2.40 8.96 3.17
C ALA A 25 1.77 8.05 4.24
N THR A 26 0.77 8.54 4.98
CA THR A 26 0.09 7.83 6.09
C THR A 26 -1.34 7.44 5.71
N PHE A 27 -1.82 6.29 6.21
CA PHE A 27 -3.17 5.77 5.95
C PHE A 27 -3.80 5.22 7.24
N ASN A 28 -5.14 5.23 7.30
CA ASN A 28 -5.92 4.79 8.47
C ASN A 28 -7.15 3.95 8.07
N ASP A 29 -7.12 3.32 6.89
CA ASP A 29 -8.18 2.46 6.34
C ASP A 29 -7.55 1.33 5.50
N PRO A 30 -8.20 0.15 5.40
CA PRO A 30 -7.63 -1.00 4.69
C PRO A 30 -7.48 -0.76 3.19
N VAL A 31 -8.56 -0.33 2.55
CA VAL A 31 -8.61 -0.08 1.11
C VAL A 31 -7.73 1.10 0.71
N MET A 32 -7.66 2.15 1.53
CA MET A 32 -6.76 3.30 1.28
C MET A 32 -5.29 2.86 1.24
N ALA A 33 -4.87 2.06 2.23
CA ALA A 33 -3.52 1.49 2.28
C ALA A 33 -3.23 0.63 1.04
N GLN A 34 -4.11 -0.35 0.77
CA GLN A 34 -3.96 -1.27 -0.36
C GLN A 34 -3.92 -0.55 -1.72
N GLN A 35 -4.79 0.45 -1.92
CA GLN A 35 -4.83 1.26 -3.15
C GLN A 35 -3.54 2.06 -3.35
N HIS A 36 -2.98 2.65 -2.29
CA HIS A 36 -1.71 3.36 -2.40
C HIS A 36 -0.58 2.42 -2.86
N TYR A 37 -0.42 1.26 -2.19
CA TYR A 37 0.62 0.27 -2.50
C TYR A 37 0.52 -0.41 -3.88
N VAL A 38 -0.48 -0.09 -4.71
CA VAL A 38 -0.66 -0.67 -6.07
C VAL A 38 -0.86 0.39 -7.17
N GLY A 39 -1.29 1.60 -6.83
CA GLY A 39 -1.54 2.70 -7.78
C GLY A 39 -0.28 3.30 -8.41
N LYS A 40 -0.46 3.93 -9.59
CA LYS A 40 0.60 4.57 -10.41
C LYS A 40 1.49 5.56 -9.64
N LYS A 41 0.91 6.31 -8.69
CA LYS A 41 1.63 7.30 -7.86
C LYS A 41 2.77 6.66 -7.06
N HIS A 42 2.53 5.50 -6.43
CA HIS A 42 3.56 4.77 -5.68
C HIS A 42 4.66 4.26 -6.62
N ARG A 43 4.28 3.76 -7.80
CA ARG A 43 5.25 3.26 -8.80
C ARG A 43 6.21 4.37 -9.23
N LYS A 44 5.64 5.53 -9.62
CA LYS A 44 6.40 6.73 -10.03
C LYS A 44 7.34 7.23 -8.93
N GLN A 45 6.85 7.43 -7.71
CA GLN A 45 7.66 7.90 -6.58
C GLN A 45 8.74 6.88 -6.16
N GLU A 46 8.45 5.58 -6.20
CA GLU A 46 9.45 4.53 -5.91
C GLU A 46 10.59 4.58 -6.92
N THR A 47 10.28 4.70 -8.23
CA THR A 47 11.30 4.85 -9.29
C THR A 47 12.11 6.14 -9.08
N LYS A 48 11.45 7.27 -8.74
CA LYS A 48 12.11 8.55 -8.47
C LYS A 48 13.11 8.42 -7.31
N LEU A 49 12.69 7.81 -6.20
CA LEU A 49 13.55 7.58 -5.02
C LEU A 49 14.73 6.66 -5.34
N LYS A 50 14.50 5.56 -6.07
CA LYS A 50 15.56 4.63 -6.50
C LYS A 50 16.60 5.34 -7.37
N LEU A 51 16.16 6.13 -8.36
CA LEU A 51 17.03 6.93 -9.23
C LEU A 51 17.84 7.95 -8.41
N MET A 52 17.18 8.69 -7.52
CA MET A 52 17.82 9.69 -6.64
C MET A 52 18.92 9.05 -5.79
N ALA A 53 18.65 7.92 -5.12
CA ALA A 53 19.63 7.19 -4.32
C ALA A 53 20.81 6.66 -5.16
N ARG A 54 20.52 6.05 -6.32
CA ARG A 54 21.51 5.51 -7.28
C ARG A 54 22.47 6.58 -7.79
N TYR A 55 21.94 7.71 -8.25
CA TYR A 55 22.73 8.81 -8.80
C TYR A 55 23.43 9.68 -7.72
N GLY A 56 22.76 9.92 -6.59
CA GLY A 56 23.27 10.72 -5.48
C GLY A 56 24.52 10.16 -4.78
N ARG A 57 24.75 8.85 -4.87
CA ARG A 57 25.89 8.11 -4.27
C ARG A 57 26.69 7.30 -5.31
N LEU A 58 26.63 7.70 -6.58
CA LEU A 58 27.34 7.06 -7.70
C LEU A 58 28.86 7.00 -7.43
N ALA A 59 29.43 5.80 -7.54
CA ALA A 59 30.85 5.51 -7.31
C ALA A 59 31.33 4.30 -8.15
N ASP A 60 32.65 4.06 -8.16
CA ASP A 60 33.30 2.96 -8.88
C ASP A 60 34.57 2.47 -8.15
ZN ZN B . 4.17 4.78 -1.60
N SER A 1 -14.77 -19.82 -11.14
CA SER A 1 -13.74 -19.71 -10.09
C SER A 1 -13.74 -20.87 -9.09
N THR A 2 -14.70 -21.80 -9.21
CA THR A 2 -14.95 -23.00 -8.37
C THR A 2 -15.44 -22.67 -6.95
N LYS A 3 -16.42 -23.46 -6.47
CA LYS A 3 -17.07 -23.39 -5.14
C LYS A 3 -17.25 -21.96 -4.58
N VAL A 4 -18.14 -21.20 -5.22
CA VAL A 4 -18.50 -19.81 -4.85
C VAL A 4 -18.94 -19.68 -3.38
N GLU A 5 -18.77 -18.48 -2.79
CA GLU A 5 -19.10 -18.17 -1.39
C GLU A 5 -20.05 -16.96 -1.27
N ALA A 6 -20.71 -16.84 -0.10
CA ALA A 6 -21.69 -15.80 0.23
C ALA A 6 -21.68 -15.48 1.75
N LEU A 7 -22.80 -15.01 2.30
CA LEU A 7 -23.01 -14.67 3.72
C LEU A 7 -22.06 -13.58 4.26
N HIS A 8 -21.76 -12.56 3.43
CA HIS A 8 -20.92 -11.41 3.82
C HIS A 8 -21.57 -10.63 4.98
N GLN A 9 -20.91 -10.62 6.15
CA GLN A 9 -21.39 -9.94 7.37
C GLN A 9 -21.40 -8.40 7.27
N ASN A 10 -22.13 -7.75 8.18
CA ASN A 10 -22.27 -6.29 8.26
C ASN A 10 -21.09 -5.57 8.98
N ARG A 11 -19.96 -6.25 9.20
CA ARG A 11 -18.74 -5.76 9.87
C ARG A 11 -17.48 -6.11 9.10
N GLU A 12 -16.35 -5.50 9.50
CA GLU A 12 -15.03 -5.70 8.89
C GLU A 12 -13.90 -5.49 9.94
N MET A 13 -12.63 -5.62 9.52
CA MET A 13 -11.45 -5.43 10.38
C MET A 13 -11.35 -4.00 10.97
N ILE A 14 -10.55 -3.87 12.04
CA ILE A 14 -10.27 -2.59 12.73
C ILE A 14 -9.61 -1.54 11.79
N ASP A 15 -9.76 -0.27 12.15
CA ASP A 15 -9.32 0.92 11.40
C ASP A 15 -8.22 1.74 12.14
N PRO A 16 -6.98 1.23 12.22
CA PRO A 16 -5.86 1.93 12.86
C PRO A 16 -5.29 3.03 11.95
N ASP A 17 -4.55 3.96 12.55
CA ASP A 17 -3.83 5.00 11.79
C ASP A 17 -2.59 4.39 11.10
N LYS A 18 -2.32 4.80 9.85
CA LYS A 18 -1.20 4.32 9.03
C LYS A 18 -0.56 5.48 8.26
N PHE A 19 0.67 5.28 7.82
CA PHE A 19 1.47 6.27 7.10
C PHE A 19 2.42 5.62 6.08
N CYS A 20 2.72 6.33 5.00
CA CYS A 20 3.63 5.96 3.93
C CYS A 20 4.72 7.02 3.81
N SER A 21 5.94 6.68 4.27
CA SER A 21 7.11 7.59 4.24
C SER A 21 7.63 7.83 2.82
N LEU A 22 7.42 6.88 1.91
CA LEU A 22 7.86 6.97 0.51
C LEU A 22 7.01 7.95 -0.33
N CYS A 23 5.72 8.10 0.04
CA CYS A 23 4.73 8.93 -0.65
C CYS A 23 4.23 10.15 0.16
N HIS A 24 4.62 10.25 1.44
CA HIS A 24 4.17 11.27 2.40
C HIS A 24 2.63 11.34 2.46
N ALA A 25 2.01 10.20 2.77
CA ALA A 25 0.55 10.00 2.82
C ALA A 25 0.12 9.32 4.12
N THR A 26 -1.09 9.64 4.63
CA THR A 26 -1.65 9.15 5.89
C THR A 26 -3.03 8.51 5.68
N PHE A 27 -3.37 7.47 6.44
CA PHE A 27 -4.63 6.72 6.32
C PHE A 27 -5.19 6.35 7.71
N ASN A 28 -6.49 6.07 7.79
CA ASN A 28 -7.19 5.71 9.04
C ASN A 28 -8.34 4.72 8.80
N ASP A 29 -8.17 3.81 7.83
CA ASP A 29 -9.14 2.79 7.42
C ASP A 29 -8.38 1.58 6.80
N PRO A 30 -8.82 0.32 7.02
CA PRO A 30 -8.10 -0.86 6.54
C PRO A 30 -7.96 -0.93 5.02
N VAL A 31 -9.07 -0.70 4.32
CA VAL A 31 -9.14 -0.76 2.85
C VAL A 31 -8.40 0.43 2.23
N MET A 32 -8.49 1.63 2.81
CA MET A 32 -7.75 2.80 2.32
C MET A 32 -6.23 2.54 2.38
N ALA A 33 -5.74 2.02 3.50
CA ALA A 33 -4.33 1.65 3.67
C ALA A 33 -3.91 0.60 2.63
N GLN A 34 -4.67 -0.50 2.54
CA GLN A 34 -4.39 -1.59 1.61
C GLN A 34 -4.37 -1.12 0.14
N GLN A 35 -5.35 -0.33 -0.27
CA GLN A 35 -5.46 0.23 -1.62
C GLN A 35 -4.28 1.15 -1.96
N HIS A 36 -3.77 1.92 -1.00
CA HIS A 36 -2.58 2.76 -1.25
C HIS A 36 -1.35 1.90 -1.53
N TYR A 37 -0.99 0.98 -0.62
CA TYR A 37 0.18 0.10 -0.73
C TYR A 37 0.22 -0.82 -1.97
N VAL A 38 -0.89 -0.98 -2.70
CA VAL A 38 -1.01 -1.82 -3.90
C VAL A 38 -1.37 -1.01 -5.17
N GLY A 39 -1.61 0.31 -5.03
CA GLY A 39 -2.01 1.19 -6.13
C GLY A 39 -0.85 1.67 -7.01
N LYS A 40 -1.17 2.05 -8.26
CA LYS A 40 -0.21 2.54 -9.26
C LYS A 40 0.61 3.74 -8.79
N LYS A 41 -0.03 4.68 -8.06
CA LYS A 41 0.63 5.88 -7.49
C LYS A 41 1.77 5.49 -6.54
N HIS A 42 1.52 4.56 -5.62
CA HIS A 42 2.53 4.06 -4.69
C HIS A 42 3.67 3.37 -5.43
N ARG A 43 3.36 2.44 -6.35
CA ARG A 43 4.38 1.74 -7.15
C ARG A 43 5.25 2.71 -7.96
N LYS A 44 4.66 3.73 -8.59
CA LYS A 44 5.36 4.78 -9.35
C LYS A 44 6.29 5.60 -8.46
N GLN A 45 5.78 6.17 -7.36
CA GLN A 45 6.57 6.98 -6.43
C GLN A 45 7.66 6.16 -5.73
N GLU A 46 7.38 4.92 -5.34
CA GLU A 46 8.36 3.99 -4.77
C GLU A 46 9.49 3.72 -5.79
N THR A 47 9.15 3.50 -7.06
CA THR A 47 10.12 3.31 -8.15
C THR A 47 11.00 4.56 -8.32
N LYS A 48 10.41 5.77 -8.31
CA LYS A 48 11.18 7.03 -8.41
C LYS A 48 12.16 7.19 -7.24
N LEU A 49 11.71 6.91 -6.02
CA LEU A 49 12.54 6.99 -4.81
C LEU A 49 13.69 5.97 -4.86
N LYS A 50 13.40 4.70 -5.21
CA LYS A 50 14.41 3.64 -5.37
C LYS A 50 15.44 4.00 -6.45
N LEU A 51 14.99 4.53 -7.59
CA LEU A 51 15.87 4.96 -8.68
C LEU A 51 16.80 6.10 -8.21
N MET A 52 16.26 7.09 -7.51
CA MET A 52 17.04 8.19 -6.93
C MET A 52 18.08 7.68 -5.92
N ALA A 53 17.71 6.71 -5.07
CA ALA A 53 18.61 6.08 -4.10
C ALA A 53 19.76 5.33 -4.81
N ARG A 54 19.46 4.57 -5.89
CA ARG A 54 20.47 3.88 -6.71
C ARG A 54 21.44 4.88 -7.37
N TYR A 55 20.91 5.98 -7.93
CA TYR A 55 21.70 7.05 -8.54
C TYR A 55 22.59 7.81 -7.52
N GLY A 56 22.29 7.73 -6.23
CA GLY A 56 23.02 8.40 -5.14
C GLY A 56 24.51 8.04 -5.05
N ARG A 57 24.89 6.80 -5.42
CA ARG A 57 26.28 6.31 -5.44
C ARG A 57 26.45 5.19 -6.47
N LEU A 58 27.28 5.44 -7.49
CA LEU A 58 27.61 4.52 -8.59
C LEU A 58 29.11 4.60 -8.93
N ALA A 59 29.67 3.50 -9.44
CA ALA A 59 31.09 3.37 -9.82
C ALA A 59 31.33 2.50 -11.08
N ASP A 60 30.27 2.14 -11.83
CA ASP A 60 30.33 1.30 -13.03
C ASP A 60 31.23 1.92 -14.12
ZN ZN B . 3.03 5.02 -0.72
N SER A 1 -18.66 -29.21 17.25
CA SER A 1 -18.75 -27.79 16.89
C SER A 1 -17.76 -27.36 15.79
N THR A 2 -16.98 -28.30 15.25
CA THR A 2 -15.99 -28.05 14.17
C THR A 2 -16.63 -27.60 12.85
N LYS A 3 -17.89 -28.00 12.60
CA LYS A 3 -18.67 -27.70 11.37
C LYS A 3 -20.09 -27.23 11.69
N VAL A 4 -20.21 -26.17 12.49
CA VAL A 4 -21.50 -25.55 12.89
C VAL A 4 -21.41 -24.02 12.85
N GLU A 5 -22.55 -23.33 12.65
CA GLU A 5 -22.67 -21.86 12.52
C GLU A 5 -21.84 -21.22 11.38
N ALA A 6 -21.27 -22.03 10.47
CA ALA A 6 -20.47 -21.57 9.33
C ALA A 6 -21.30 -20.80 8.29
N LEU A 7 -20.65 -19.89 7.55
CA LEU A 7 -21.24 -19.06 6.49
C LEU A 7 -20.18 -18.69 5.43
N HIS A 8 -20.48 -18.96 4.15
CA HIS A 8 -19.59 -18.66 3.01
C HIS A 8 -19.51 -17.15 2.70
N GLN A 9 -20.62 -16.42 2.87
CA GLN A 9 -20.72 -14.98 2.63
C GLN A 9 -19.94 -14.14 3.67
N ASN A 10 -19.64 -12.89 3.32
CA ASN A 10 -18.93 -11.90 4.15
C ASN A 10 -19.42 -10.47 3.89
N ARG A 11 -18.98 -9.51 4.72
CA ARG A 11 -19.34 -8.08 4.60
C ARG A 11 -18.84 -7.45 3.29
N GLU A 12 -19.59 -6.48 2.77
CA GLU A 12 -19.29 -5.76 1.53
C GLU A 12 -18.00 -4.93 1.61
N MET A 13 -17.28 -4.84 0.47
CA MET A 13 -16.04 -4.07 0.24
C MET A 13 -15.05 -4.01 1.44
N ILE A 14 -14.25 -5.07 1.60
CA ILE A 14 -13.23 -5.20 2.65
C ILE A 14 -12.25 -4.00 2.70
N ASP A 15 -11.84 -3.63 3.92
CA ASP A 15 -10.99 -2.47 4.24
C ASP A 15 -9.79 -2.82 5.14
N PRO A 16 -8.79 -3.55 4.59
CA PRO A 16 -7.59 -3.95 5.34
C PRO A 16 -6.64 -2.78 5.60
N ASP A 17 -5.78 -2.92 6.62
CA ASP A 17 -4.75 -1.93 6.94
C ASP A 17 -3.60 -2.04 5.92
N LYS A 18 -3.08 -0.89 5.45
CA LYS A 18 -1.98 -0.79 4.47
C LYS A 18 -0.98 0.29 4.87
N PHE A 19 0.21 0.28 4.29
CA PHE A 19 1.29 1.23 4.60
C PHE A 19 2.13 1.60 3.36
N CYS A 20 2.75 2.77 3.39
CA CYS A 20 3.68 3.28 2.37
C CYS A 20 5.02 3.62 3.05
N SER A 21 6.05 2.83 2.76
CA SER A 21 7.40 2.98 3.32
C SER A 21 8.23 4.10 2.64
N LEU A 22 7.78 4.60 1.49
CA LEU A 22 8.39 5.73 0.78
C LEU A 22 7.92 7.04 1.46
N CYS A 23 6.60 7.26 1.53
CA CYS A 23 5.97 8.44 2.10
C CYS A 23 5.78 8.40 3.63
N HIS A 24 6.08 7.25 4.28
CA HIS A 24 5.88 7.00 5.72
C HIS A 24 4.43 7.30 6.12
N ALA A 25 3.50 6.57 5.49
CA ALA A 25 2.04 6.75 5.62
C ALA A 25 1.29 5.43 5.89
N THR A 26 0.07 5.52 6.40
CA THR A 26 -0.81 4.38 6.77
C THR A 26 -2.23 4.59 6.24
N PHE A 27 -2.92 3.52 5.86
CA PHE A 27 -4.27 3.56 5.29
C PHE A 27 -5.14 2.45 5.90
N ASN A 28 -6.47 2.66 5.93
CA ASN A 28 -7.46 1.76 6.52
C ASN A 28 -8.72 1.58 5.64
N ASP A 29 -8.62 1.84 4.34
CA ASP A 29 -9.69 1.70 3.34
C ASP A 29 -9.09 1.30 1.98
N PRO A 30 -9.84 0.57 1.12
CA PRO A 30 -9.32 0.08 -0.15
C PRO A 30 -8.99 1.21 -1.13
N VAL A 31 -9.92 2.14 -1.27
CA VAL A 31 -9.81 3.29 -2.18
C VAL A 31 -8.77 4.29 -1.67
N MET A 32 -8.67 4.49 -0.35
CA MET A 32 -7.64 5.36 0.25
C MET A 32 -6.22 4.84 -0.07
N ALA A 33 -6.00 3.53 0.12
CA ALA A 33 -4.74 2.87 -0.23
C ALA A 33 -4.41 3.03 -1.71
N GLN A 34 -5.35 2.66 -2.59
CA GLN A 34 -5.18 2.74 -4.04
C GLN A 34 -4.90 4.18 -4.52
N GLN A 35 -5.68 5.16 -4.06
CA GLN A 35 -5.52 6.58 -4.39
C GLN A 35 -4.14 7.12 -3.96
N HIS A 36 -3.62 6.67 -2.82
CA HIS A 36 -2.28 7.07 -2.38
C HIS A 36 -1.20 6.56 -3.35
N TYR A 37 -1.16 5.25 -3.61
CA TYR A 37 -0.16 4.63 -4.49
C TYR A 37 -0.20 5.13 -5.94
N VAL A 38 -1.39 5.32 -6.52
CA VAL A 38 -1.55 5.79 -7.92
C VAL A 38 -1.34 7.31 -8.09
N GLY A 39 -1.33 8.08 -7.00
CA GLY A 39 -1.18 9.54 -7.01
C GLY A 39 0.15 10.03 -7.59
N LYS A 40 0.10 11.15 -8.33
CA LYS A 40 1.26 11.78 -8.98
C LYS A 40 2.41 12.06 -8.02
N LYS A 41 2.10 12.55 -6.81
CA LYS A 41 3.09 12.82 -5.75
C LYS A 41 3.84 11.56 -5.30
N HIS A 42 3.15 10.43 -5.18
CA HIS A 42 3.78 9.14 -4.84
C HIS A 42 4.71 8.69 -5.97
N ARG A 43 4.25 8.75 -7.24
CA ARG A 43 5.08 8.41 -8.41
C ARG A 43 6.36 9.25 -8.46
N LYS A 44 6.25 10.58 -8.27
CA LYS A 44 7.40 11.51 -8.26
C LYS A 44 8.41 11.14 -7.17
N GLN A 45 7.95 10.96 -5.93
CA GLN A 45 8.81 10.57 -4.81
C GLN A 45 9.44 9.18 -5.01
N GLU A 46 8.70 8.21 -5.56
CA GLU A 46 9.20 6.85 -5.83
C GLU A 46 10.36 6.91 -6.82
N THR A 47 10.23 7.70 -7.90
CA THR A 47 11.28 7.95 -8.89
C THR A 47 12.49 8.63 -8.24
N LYS A 48 12.31 9.60 -7.34
CA LYS A 48 13.43 10.24 -6.62
C LYS A 48 14.18 9.22 -5.76
N LEU A 49 13.48 8.39 -5.00
CA LEU A 49 14.12 7.32 -4.19
C LEU A 49 14.87 6.32 -5.09
N LYS A 50 14.28 5.91 -6.22
CA LYS A 50 14.90 5.00 -7.19
C LYS A 50 16.19 5.61 -7.76
N LEU A 51 16.16 6.90 -8.14
CA LEU A 51 17.33 7.64 -8.63
C LEU A 51 18.43 7.71 -7.56
N MET A 52 18.08 8.04 -6.31
CA MET A 52 19.03 8.07 -5.18
C MET A 52 19.70 6.70 -4.97
N ALA A 53 18.93 5.60 -5.00
CA ALA A 53 19.44 4.24 -4.88
C ALA A 53 20.37 3.86 -6.05
N ARG A 54 20.00 4.23 -7.29
CA ARG A 54 20.79 3.99 -8.52
C ARG A 54 22.10 4.77 -8.53
N TYR A 55 22.08 6.02 -8.06
CA TYR A 55 23.23 6.93 -7.99
C TYR A 55 24.20 6.56 -6.84
N GLY A 56 23.68 6.03 -5.73
CA GLY A 56 24.44 5.61 -4.55
C GLY A 56 25.22 4.30 -4.72
N ARG A 57 25.84 3.83 -3.64
CA ARG A 57 26.65 2.59 -3.59
C ARG A 57 25.82 1.36 -3.99
N LEU A 58 26.40 0.48 -4.81
CA LEU A 58 25.79 -0.76 -5.30
C LEU A 58 25.60 -1.78 -4.16
N ALA A 59 24.36 -1.96 -3.71
CA ALA A 59 24.00 -2.88 -2.62
C ALA A 59 23.99 -4.38 -3.01
N ASP A 60 23.94 -4.70 -4.32
CA ASP A 60 23.92 -6.08 -4.84
C ASP A 60 24.53 -6.19 -6.25
ZN ZN B . 3.53 6.85 -0.84
#